data_7TM2
# 
_entry.id   7TM2 
# 
_audit_conform.dict_name       mmcif_pdbx.dic 
_audit_conform.dict_version    5.396 
_audit_conform.dict_location   http://mmcif.pdb.org/dictionaries/ascii/mmcif_pdbx.dic 
# 
loop_
_database_2.database_id 
_database_2.database_code 
_database_2.pdbx_database_accession 
_database_2.pdbx_DOI 
PDB   7TM2         pdb_00007tm2 10.2210/pdb7tm2/pdb 
WWPDB D_1000262535 ?            ?                   
# 
loop_
_pdbx_audit_revision_history.ordinal 
_pdbx_audit_revision_history.data_content_type 
_pdbx_audit_revision_history.major_revision 
_pdbx_audit_revision_history.minor_revision 
_pdbx_audit_revision_history.revision_date 
1 'Structure model' 1 0 2022-04-20 
2 'Structure model' 1 1 2022-04-27 
3 'Structure model' 1 2 2023-10-18 
4 'Structure model' 1 3 2023-11-15 
5 'Structure model' 2 0 2024-09-25 
# 
_pdbx_audit_revision_details.ordinal             1 
_pdbx_audit_revision_details.revision_ordinal    1 
_pdbx_audit_revision_details.data_content_type   'Structure model' 
_pdbx_audit_revision_details.provider            repository 
_pdbx_audit_revision_details.type                'Initial release' 
_pdbx_audit_revision_details.description         ? 
_pdbx_audit_revision_details.details             ? 
# 
loop_
_pdbx_audit_revision_group.ordinal 
_pdbx_audit_revision_group.revision_ordinal 
_pdbx_audit_revision_group.data_content_type 
_pdbx_audit_revision_group.group 
1  2 'Structure model' 'Database references'    
2  3 'Structure model' 'Data collection'        
3  3 'Structure model' 'Refinement description' 
4  4 'Structure model' 'Data collection'        
5  5 'Structure model' 'Atomic model'           
6  5 'Structure model' 'Data collection'        
7  5 'Structure model' 'Database references'    
8  5 'Structure model' 'Derived calculations'   
9  5 'Structure model' 'Polymer sequence'       
10 5 'Structure model' 'Source and taxonomy'    
11 5 'Structure model' 'Structure summary'      
# 
loop_
_pdbx_audit_revision_category.ordinal 
_pdbx_audit_revision_category.revision_ordinal 
_pdbx_audit_revision_category.data_content_type 
_pdbx_audit_revision_category.category 
1  2 'Structure model' citation                      
2  3 'Structure model' chem_comp_atom                
3  3 'Structure model' chem_comp_bond                
4  3 'Structure model' pdbx_initial_refinement_model 
5  4 'Structure model' chem_comp_atom                
6  4 'Structure model' chem_comp_bond                
7  5 'Structure model' atom_site                     
8  5 'Structure model' atom_site_anisotrop           
9  5 'Structure model' entity                        
10 5 'Structure model' entity_poly                   
11 5 'Structure model' entity_poly_seq               
12 5 'Structure model' pdbx_entity_nonpoly           
13 5 'Structure model' pdbx_entity_src_syn           
14 5 'Structure model' pdbx_nonpoly_scheme           
15 5 'Structure model' pdbx_poly_seq_scheme          
16 5 'Structure model' pdbx_struct_assembly_gen      
17 5 'Structure model' struct_asym                   
18 5 'Structure model' struct_conf                   
19 5 'Structure model' struct_conn                   
20 5 'Structure model' struct_ref_seq                
# 
loop_
_pdbx_audit_revision_item.ordinal 
_pdbx_audit_revision_item.revision_ordinal 
_pdbx_audit_revision_item.data_content_type 
_pdbx_audit_revision_item.item 
1  2 'Structure model' '_citation.journal_volume'                  
2  2 'Structure model' '_citation.page_first'                      
3  2 'Structure model' '_citation.page_last'                       
4  4 'Structure model' '_chem_comp_atom.atom_id'                   
5  4 'Structure model' '_chem_comp_bond.atom_id_2'                 
6  5 'Structure model' '_atom_site.B_iso_or_equiv'                 
7  5 'Structure model' '_atom_site.Cartn_x'                        
8  5 'Structure model' '_atom_site.Cartn_y'                        
9  5 'Structure model' '_atom_site.Cartn_z'                        
10 5 'Structure model' '_atom_site.auth_atom_id'                   
11 5 'Structure model' '_atom_site.auth_comp_id'                   
12 5 'Structure model' '_atom_site.auth_seq_id'                    
13 5 'Structure model' '_atom_site.group_PDB'                      
14 5 'Structure model' '_atom_site.label_alt_id'                   
15 5 'Structure model' '_atom_site.label_asym_id'                  
16 5 'Structure model' '_atom_site.label_atom_id'                  
17 5 'Structure model' '_atom_site.label_comp_id'                  
18 5 'Structure model' '_atom_site.label_entity_id'                
19 5 'Structure model' '_atom_site.label_seq_id'                   
20 5 'Structure model' '_atom_site.occupancy'                      
21 5 'Structure model' '_atom_site.type_symbol'                    
22 5 'Structure model' '_atom_site_anisotrop.U[1][1]'              
23 5 'Structure model' '_atom_site_anisotrop.U[1][2]'              
24 5 'Structure model' '_atom_site_anisotrop.U[1][3]'              
25 5 'Structure model' '_atom_site_anisotrop.U[2][2]'              
26 5 'Structure model' '_atom_site_anisotrop.U[2][3]'              
27 5 'Structure model' '_atom_site_anisotrop.U[3][3]'              
28 5 'Structure model' '_atom_site_anisotrop.id'                   
29 5 'Structure model' '_atom_site_anisotrop.pdbx_auth_atom_id'    
30 5 'Structure model' '_atom_site_anisotrop.pdbx_auth_comp_id'    
31 5 'Structure model' '_atom_site_anisotrop.pdbx_auth_seq_id'     
32 5 'Structure model' '_atom_site_anisotrop.pdbx_label_alt_id'    
33 5 'Structure model' '_atom_site_anisotrop.pdbx_label_asym_id'   
34 5 'Structure model' '_atom_site_anisotrop.pdbx_label_atom_id'   
35 5 'Structure model' '_atom_site_anisotrop.pdbx_label_comp_id'   
36 5 'Structure model' '_atom_site_anisotrop.pdbx_label_seq_id'    
37 5 'Structure model' '_atom_site_anisotrop.type_symbol'          
38 5 'Structure model' '_entity_poly.pdbx_seq_one_letter_code'     
39 5 'Structure model' '_entity_poly.pdbx_seq_one_letter_code_can' 
40 5 'Structure model' '_pdbx_entity_src_syn.pdbx_end_seq_num'     
41 5 'Structure model' '_pdbx_struct_assembly_gen.asym_id_list'    
42 5 'Structure model' '_struct_conf.beg_label_seq_id'             
43 5 'Structure model' '_struct_conf.end_label_seq_id'             
44 5 'Structure model' '_struct_conn.pdbx_dist_value'              
45 5 'Structure model' '_struct_conn.pdbx_leaving_atom_flag'       
46 5 'Structure model' '_struct_conn.ptnr1_auth_comp_id'           
47 5 'Structure model' '_struct_conn.ptnr1_auth_seq_id'            
48 5 'Structure model' '_struct_conn.ptnr1_label_atom_id'          
49 5 'Structure model' '_struct_conn.ptnr1_label_comp_id'          
50 5 'Structure model' '_struct_conn.ptnr1_label_seq_id'           
51 5 'Structure model' '_struct_conn.ptnr2_auth_comp_id'           
52 5 'Structure model' '_struct_conn.ptnr2_auth_seq_id'            
53 5 'Structure model' '_struct_conn.ptnr2_label_asym_id'          
54 5 'Structure model' '_struct_conn.ptnr2_label_atom_id'          
55 5 'Structure model' '_struct_conn.ptnr2_label_comp_id'          
56 5 'Structure model' '_struct_conn.ptnr2_label_seq_id'           
57 5 'Structure model' '_struct_ref_seq.seq_align_beg'             
58 5 'Structure model' '_struct_ref_seq.seq_align_end'             
# 
_pdbx_database_status.status_code                     REL 
_pdbx_database_status.status_code_sf                  REL 
_pdbx_database_status.status_code_mr                  ? 
_pdbx_database_status.entry_id                        7TM2 
_pdbx_database_status.recvd_initial_deposition_date   2022-01-19 
_pdbx_database_status.SG_entry                        N 
_pdbx_database_status.deposit_site                    RCSB 
_pdbx_database_status.process_site                    RCSB 
_pdbx_database_status.status_code_cs                  ? 
_pdbx_database_status.status_code_nmr_data            ? 
_pdbx_database_status.methods_development_category    ? 
_pdbx_database_status.pdb_format_compatible           Y 
# 
_pdbx_contact_author.id                 2 
_pdbx_contact_author.email              andyn@uic.edu 
_pdbx_contact_author.name_first         Andy 
_pdbx_contact_author.name_last          Nguyen 
_pdbx_contact_author.name_mi            I 
_pdbx_contact_author.role               'principal investigator/group leader' 
_pdbx_contact_author.identifier_ORCID   0000-0003-4137-6453 
# 
_audit_author.name               'Nguyen, A.I.' 
_audit_author.pdbx_ordinal       1 
_audit_author.identifier_ORCID   0000-0003-4137-6453 
# 
_citation.abstract                  ? 
_citation.abstract_id_CAS           ? 
_citation.book_id_ISBN              ? 
_citation.book_publisher            ? 
_citation.book_publisher_city       ? 
_citation.book_title                ? 
_citation.coordinate_linkage        ? 
_citation.country                   US 
_citation.database_id_Medline       ? 
_citation.details                   ? 
_citation.id                        primary 
_citation.journal_abbrev            J.Am.Chem.Soc. 
_citation.journal_id_ASTM           JACSAT 
_citation.journal_id_CSD            ? 
_citation.journal_id_ISSN           1520-5126 
_citation.journal_full              ? 
_citation.journal_issue             ? 
_citation.journal_volume            144 
_citation.language                  ? 
_citation.page_first                7001 
_citation.page_last                 7009 
_citation.title                     
'Assembly of pi-Stacking Helical Peptides into a Porous and Multivariable Proteomimetic Framework.' 
_citation.year                      2022 
_citation.database_id_CSD           ? 
_citation.pdbx_database_id_DOI      10.1021/jacs.2c02146 
_citation.pdbx_database_id_PubMed   35390261 
_citation.pdbx_database_id_patent   ? 
_citation.unpublished_flag          ? 
# 
loop_
_citation_author.citation_id 
_citation_author.name 
_citation_author.ordinal 
_citation_author.identifier_ORCID 
primary 'Heinz-Kunert, S.L.' 1 ?                   
primary 'Pandya, A.'         2 0000-0003-3303-1009 
primary 'Dang, V.T.'         3 ?                   
primary 'Tran, P.N.'         4 ?                   
primary 'Ghosh, S.'          5 ?                   
primary 'McElheny, D.'       6 ?                   
primary 'Santarsiero, B.D.'  7 0000-0002-9032-9699 
primary 'Ren, Z.'            8 0000-0001-7098-3127 
primary 'Nguyen, A.I.'       9 0000-0003-4137-6453 
# 
loop_
_entity.id 
_entity.type 
_entity.src_method 
_entity.pdbx_description 
_entity.formula_weight 
_entity.pdbx_number_of_molecules 
_entity.pdbx_ec 
_entity.pdbx_mutation 
_entity.pdbx_fragment 
_entity.details 
1 polymer     syn 'bipyridyl-conjugated helical peptide' 1374.589 1 ? ? ? ? 
2 non-polymer syn tert-butylbenzene                      134.218  3 ? ? ? ? 
3 water       nat water                                  18.015   1 ? ? ? ? 
# 
_entity_poly.entity_id                      1 
_entity_poly.type                           'polypeptide(L)' 
_entity_poly.nstd_linkage                   no 
_entity_poly.nstd_monomer                   yes 
_entity_poly.pdbx_seq_one_letter_code       '(I6W)L(AIB)A(AIB)L(AIB)Q(AIB)L(I77)' 
_entity_poly.pdbx_seq_one_letter_code_can   XLAAALAQALX 
_entity_poly.pdbx_strand_id                 A 
_entity_poly.pdbx_target_identifier         ? 
# 
loop_
_pdbx_entity_nonpoly.entity_id 
_pdbx_entity_nonpoly.name 
_pdbx_entity_nonpoly.comp_id 
2 tert-butylbenzene I7E 
3 water             HOH 
# 
loop_
_entity_poly_seq.entity_id 
_entity_poly_seq.num 
_entity_poly_seq.mon_id 
_entity_poly_seq.hetero 
1 1  I6W n 
1 2  LEU n 
1 3  AIB n 
1 4  ALA n 
1 5  AIB n 
1 6  LEU n 
1 7  AIB n 
1 8  GLN n 
1 9  AIB n 
1 10 LEU n 
1 11 I77 n 
# 
_pdbx_entity_src_syn.entity_id              1 
_pdbx_entity_src_syn.pdbx_src_id            1 
_pdbx_entity_src_syn.pdbx_alt_source_flag   sample 
_pdbx_entity_src_syn.pdbx_beg_seq_num       1 
_pdbx_entity_src_syn.pdbx_end_seq_num       11 
_pdbx_entity_src_syn.organism_scientific    'synthetic construct' 
_pdbx_entity_src_syn.organism_common_name   ? 
_pdbx_entity_src_syn.ncbi_taxonomy_id       32630 
_pdbx_entity_src_syn.details                ? 
# 
loop_
_chem_comp.id 
_chem_comp.type 
_chem_comp.mon_nstd_flag 
_chem_comp.name 
_chem_comp.pdbx_synonyms 
_chem_comp.formula 
_chem_comp.formula_weight 
AIB 'L-peptide linking' n 'ALPHA-AMINOISOBUTYRIC ACID'                            ? 'C4 H9 N O2'    103.120 
ALA 'L-peptide linking' y ALANINE                                                 ? 'C3 H7 N O2'    89.093  
GLN 'L-peptide linking' y GLUTAMINE                                               ? 'C5 H10 N2 O3'  146.144 
HOH non-polymer         . WATER                                                   ? 'H2 O'          18.015  
I6W non-polymer         . 
;ethyl 5'-formyl[2,2'-bipyridine]-5-carboxylate
;
? 'C14 H12 N2 O3' 256.257 
I77 non-polymer         . "5'-(hydrazinecarbonyl)[2,2'-bipyridine]-5-carboxamide" ? 'C12 H11 N5 O2' 257.248 
I7E non-polymer         . tert-butylbenzene                                       ? 'C10 H14'       134.218 
LEU 'L-peptide linking' y LEUCINE                                                 ? 'C6 H13 N O2'   131.173 
# 
loop_
_pdbx_poly_seq_scheme.asym_id 
_pdbx_poly_seq_scheme.entity_id 
_pdbx_poly_seq_scheme.seq_id 
_pdbx_poly_seq_scheme.mon_id 
_pdbx_poly_seq_scheme.ndb_seq_num 
_pdbx_poly_seq_scheme.pdb_seq_num 
_pdbx_poly_seq_scheme.auth_seq_num 
_pdbx_poly_seq_scheme.pdb_mon_id 
_pdbx_poly_seq_scheme.auth_mon_id 
_pdbx_poly_seq_scheme.pdb_strand_id 
_pdbx_poly_seq_scheme.pdb_ins_code 
_pdbx_poly_seq_scheme.hetero 
A 1 1  I6W 1  1  1  I6W BPE A . n 
A 1 2  LEU 2  2  2  LEU LEU A . n 
A 1 3  AIB 3  3  3  AIB AIB A . n 
A 1 4  ALA 4  4  4  ALA ALA A . n 
A 1 5  AIB 5  5  5  AIB AIB A . n 
A 1 6  LEU 6  6  6  LEU LEU A . n 
A 1 7  AIB 7  7  7  AIB AIB A . n 
A 1 8  GLN 8  8  8  GLN GLN A . n 
A 1 9  AIB 9  9  9  AIB AIB A . n 
A 1 10 LEU 10 10 10 LEU LEU A . n 
A 1 11 I77 11 11 11 I77 BPH A . n 
# 
loop_
_pdbx_nonpoly_scheme.asym_id 
_pdbx_nonpoly_scheme.entity_id 
_pdbx_nonpoly_scheme.mon_id 
_pdbx_nonpoly_scheme.ndb_seq_num 
_pdbx_nonpoly_scheme.pdb_seq_num 
_pdbx_nonpoly_scheme.auth_seq_num 
_pdbx_nonpoly_scheme.pdb_mon_id 
_pdbx_nonpoly_scheme.auth_mon_id 
_pdbx_nonpoly_scheme.pdb_strand_id 
_pdbx_nonpoly_scheme.pdb_ins_code 
B 2 I7E 1 201 1 I7E TBB A . 
C 2 I7E 1 202 2 I7E TBB A . 
D 2 I7E 1 203 3 I7E TBB A . 
E 3 HOH 1 301 1 HOH HOH A . 
# 
loop_
_software.citation_id 
_software.classification 
_software.compiler_name 
_software.compiler_version 
_software.contact_author 
_software.contact_author_email 
_software.date 
_software.description 
_software.dependencies 
_software.hardware 
_software.language 
_software.location 
_software.mods 
_software.name 
_software.os 
_software.os_version 
_software.type 
_software.version 
_software.pdbx_ordinal 
? refinement       ? ? ? ? ? ? ? ? ? ? ? PHENIX ? ? ? 1.19.2_4158 1 
? 'data reduction' ? ? ? ? ? ? ? ? ? ? ? XDS    ? ? ? .           2 
? 'data scaling'   ? ? ? ? ? ? ? ? ? ? ? XDS    ? ? ? .           3 
? phasing          ? ? ? ? ? ? ? ? ? ? ? PHASER ? ? ? .           4 
# 
_cell.angle_alpha                  90.000 
_cell.angle_alpha_esd              ? 
_cell.angle_beta                   96.879 
_cell.angle_beta_esd               ? 
_cell.angle_gamma                  90.000 
_cell.angle_gamma_esd              ? 
_cell.entry_id                     7TM2 
_cell.details                      ? 
_cell.formula_units_Z              ? 
_cell.length_a                     13.721 
_cell.length_a_esd                 ? 
_cell.length_b                     13.683 
_cell.length_b_esd                 ? 
_cell.length_c                     27.803 
_cell.length_c_esd                 ? 
_cell.volume                       5182.283 
_cell.volume_esd                   ? 
_cell.Z_PDB                        2 
_cell.reciprocal_angle_alpha       ? 
_cell.reciprocal_angle_beta        ? 
_cell.reciprocal_angle_gamma       ? 
_cell.reciprocal_angle_alpha_esd   ? 
_cell.reciprocal_angle_beta_esd    ? 
_cell.reciprocal_angle_gamma_esd   ? 
_cell.reciprocal_length_a          ? 
_cell.reciprocal_length_b          ? 
_cell.reciprocal_length_c          ? 
_cell.reciprocal_length_a_esd      ? 
_cell.reciprocal_length_b_esd      ? 
_cell.reciprocal_length_c_esd      ? 
_cell.pdbx_unique_axis             ? 
# 
_symmetry.entry_id                         7TM2 
_symmetry.cell_setting                     ? 
_symmetry.Int_Tables_number                4 
_symmetry.space_group_name_Hall            'P 2yb' 
_symmetry.space_group_name_H-M             'P 1 21 1' 
_symmetry.pdbx_full_space_group_name_H-M   ? 
# 
_exptl.absorpt_coefficient_mu     ? 
_exptl.absorpt_correction_T_max   ? 
_exptl.absorpt_correction_T_min   ? 
_exptl.absorpt_correction_type    ? 
_exptl.absorpt_process_details    ? 
_exptl.entry_id                   7TM2 
_exptl.crystals_number            1 
_exptl.details                    ? 
_exptl.method                     'X-RAY DIFFRACTION' 
_exptl.method_details             ? 
# 
_exptl_crystal.colour                      ? 
_exptl_crystal.density_diffrn              ? 
_exptl_crystal.density_Matthews            2.89 
_exptl_crystal.density_method              ? 
_exptl_crystal.density_percent_sol         57.41 
_exptl_crystal.description                 ? 
_exptl_crystal.F_000                       ? 
_exptl_crystal.id                          1 
_exptl_crystal.preparation                 ? 
_exptl_crystal.size_max                    ? 
_exptl_crystal.size_mid                    ? 
_exptl_crystal.size_min                    ? 
_exptl_crystal.size_rad                    ? 
_exptl_crystal.colour_lustre               ? 
_exptl_crystal.colour_modifier             ? 
_exptl_crystal.colour_primary              ? 
_exptl_crystal.density_meas                ? 
_exptl_crystal.density_meas_esd            ? 
_exptl_crystal.density_meas_gt             ? 
_exptl_crystal.density_meas_lt             ? 
_exptl_crystal.density_meas_temp           ? 
_exptl_crystal.density_meas_temp_esd       ? 
_exptl_crystal.density_meas_temp_gt        ? 
_exptl_crystal.density_meas_temp_lt        ? 
_exptl_crystal.pdbx_crystal_image_url      ? 
_exptl_crystal.pdbx_crystal_image_format   ? 
_exptl_crystal.pdbx_mosaicity              ? 
_exptl_crystal.pdbx_mosaicity_esd          ? 
# 
_exptl_crystal_grow.apparatus       ? 
_exptl_crystal_grow.atmosphere      ? 
_exptl_crystal_grow.crystal_id      1 
_exptl_crystal_grow.details         ? 
_exptl_crystal_grow.method          'SLOW COOLING' 
_exptl_crystal_grow.method_ref      ? 
_exptl_crystal_grow.pH              ? 
_exptl_crystal_grow.pressure        ? 
_exptl_crystal_grow.pressure_esd    ? 
_exptl_crystal_grow.seeding         ? 
_exptl_crystal_grow.seeding_ref     ? 
_exptl_crystal_grow.temp            298 
_exptl_crystal_grow.temp_details    ? 
_exptl_crystal_grow.temp_esd        ? 
_exptl_crystal_grow.time            ? 
_exptl_crystal_grow.pdbx_details    'water and acetonitrile' 
_exptl_crystal_grow.pdbx_pH_range   ? 
# 
_diffrn.ambient_environment              ? 
_diffrn.ambient_temp                     100 
_diffrn.ambient_temp_details             ? 
_diffrn.ambient_temp_esd                 ? 
_diffrn.crystal_id                       1 
_diffrn.crystal_support                  ? 
_diffrn.crystal_treatment                ? 
_diffrn.details                          ? 
_diffrn.id                               1 
_diffrn.ambient_pressure                 ? 
_diffrn.ambient_pressure_esd             ? 
_diffrn.ambient_pressure_gt              ? 
_diffrn.ambient_pressure_lt              ? 
_diffrn.ambient_temp_gt                  ? 
_diffrn.ambient_temp_lt                  ? 
_diffrn.pdbx_serial_crystal_experiment   N 
# 
_diffrn_detector.details                      ? 
_diffrn_detector.detector                     PIXEL 
_diffrn_detector.diffrn_id                    1 
_diffrn_detector.type                         'DECTRIS EIGER X 9M' 
_diffrn_detector.area_resol_mean              ? 
_diffrn_detector.dtime                        ? 
_diffrn_detector.pdbx_frames_total            ? 
_diffrn_detector.pdbx_collection_time_total   ? 
_diffrn_detector.pdbx_collection_date         2021-07-01 
_diffrn_detector.pdbx_frequency               ? 
# 
_diffrn_radiation.collimation                      ? 
_diffrn_radiation.diffrn_id                        1 
_diffrn_radiation.filter_edge                      ? 
_diffrn_radiation.inhomogeneity                    ? 
_diffrn_radiation.monochromator                    ? 
_diffrn_radiation.polarisn_norm                    ? 
_diffrn_radiation.polarisn_ratio                   ? 
_diffrn_radiation.probe                            ? 
_diffrn_radiation.type                             ? 
_diffrn_radiation.xray_symbol                      ? 
_diffrn_radiation.wavelength_id                    1 
_diffrn_radiation.pdbx_monochromatic_or_laue_m_l   M 
_diffrn_radiation.pdbx_wavelength_list             ? 
_diffrn_radiation.pdbx_wavelength                  ? 
_diffrn_radiation.pdbx_diffrn_protocol             'SINGLE WAVELENGTH' 
_diffrn_radiation.pdbx_analyzer                    ? 
_diffrn_radiation.pdbx_scattering_type             x-ray 
# 
_diffrn_radiation_wavelength.id           1 
_diffrn_radiation_wavelength.wavelength   0.619 
_diffrn_radiation_wavelength.wt           1.0 
# 
_diffrn_source.current                     ? 
_diffrn_source.details                     ? 
_diffrn_source.diffrn_id                   1 
_diffrn_source.power                       ? 
_diffrn_source.size                        ? 
_diffrn_source.source                      SYNCHROTRON 
_diffrn_source.target                      ? 
_diffrn_source.type                        'APS BEAMLINE 21-ID-D' 
_diffrn_source.voltage                     ? 
_diffrn_source.take-off_angle              ? 
_diffrn_source.pdbx_wavelength_list        0.619 
_diffrn_source.pdbx_wavelength             ? 
_diffrn_source.pdbx_synchrotron_beamline   21-ID-D 
_diffrn_source.pdbx_synchrotron_site       APS 
# 
_reflns.B_iso_Wilson_estimate                          4.54 
_reflns.entry_id                                       7TM2 
_reflns.data_reduction_details                         ? 
_reflns.data_reduction_method                          ? 
_reflns.d_resolution_high                              0.88 
_reflns.d_resolution_low                               12.84 
_reflns.details                                        ? 
_reflns.limit_h_max                                    ? 
_reflns.limit_h_min                                    ? 
_reflns.limit_k_max                                    ? 
_reflns.limit_k_min                                    ? 
_reflns.limit_l_max                                    ? 
_reflns.limit_l_min                                    ? 
_reflns.number_all                                     ? 
_reflns.number_obs                                     14928 
_reflns.observed_criterion                             ? 
_reflns.observed_criterion_F_max                       ? 
_reflns.observed_criterion_F_min                       ? 
_reflns.observed_criterion_I_max                       ? 
_reflns.observed_criterion_I_min                       ? 
_reflns.observed_criterion_sigma_F                     ? 
_reflns.observed_criterion_sigma_I                     ? 
_reflns.percent_possible_obs                           95.71 
_reflns.R_free_details                                 ? 
_reflns.Rmerge_F_all                                   ? 
_reflns.Rmerge_F_obs                                   ? 
_reflns.Friedel_coverage                               ? 
_reflns.number_gt                                      ? 
_reflns.threshold_expression                           ? 
_reflns.pdbx_redundancy                                12.4 
_reflns.pdbx_Rmerge_I_obs                              0.06869 
_reflns.pdbx_Rmerge_I_all                              ? 
_reflns.pdbx_Rsym_value                                ? 
_reflns.pdbx_netI_over_av_sigmaI                       ? 
_reflns.pdbx_netI_over_sigmaI                          16.04 
_reflns.pdbx_res_netI_over_av_sigmaI_2                 ? 
_reflns.pdbx_res_netI_over_sigmaI_2                    ? 
_reflns.pdbx_chi_squared                               ? 
_reflns.pdbx_scaling_rejects                           ? 
_reflns.pdbx_d_res_high_opt                            ? 
_reflns.pdbx_d_res_low_opt                             ? 
_reflns.pdbx_d_res_opt_method                          ? 
_reflns.phase_calculation_details                      ? 
_reflns.pdbx_Rrim_I_all                                ? 
_reflns.pdbx_Rpim_I_all                                ? 
_reflns.pdbx_d_opt                                     ? 
_reflns.pdbx_number_measured_all                       ? 
_reflns.pdbx_diffrn_id                                 1 
_reflns.pdbx_ordinal                                   1 
_reflns.pdbx_CC_half                                   ? 
_reflns.pdbx_CC_star                                   ? 
_reflns.pdbx_R_split                                   ? 
_reflns.pdbx_aniso_diffraction_limit_axis_1_ortho[1]   ? 
_reflns.pdbx_aniso_diffraction_limit_axis_1_ortho[2]   ? 
_reflns.pdbx_aniso_diffraction_limit_axis_1_ortho[3]   ? 
_reflns.pdbx_aniso_diffraction_limit_axis_2_ortho[1]   ? 
_reflns.pdbx_aniso_diffraction_limit_axis_2_ortho[2]   ? 
_reflns.pdbx_aniso_diffraction_limit_axis_2_ortho[3]   ? 
_reflns.pdbx_aniso_diffraction_limit_axis_3_ortho[1]   ? 
_reflns.pdbx_aniso_diffraction_limit_axis_3_ortho[2]   ? 
_reflns.pdbx_aniso_diffraction_limit_axis_3_ortho[3]   ? 
_reflns.pdbx_aniso_diffraction_limit_1                 ? 
_reflns.pdbx_aniso_diffraction_limit_2                 ? 
_reflns.pdbx_aniso_diffraction_limit_3                 ? 
_reflns.pdbx_aniso_B_tensor_eigenvector_1_ortho[1]     ? 
_reflns.pdbx_aniso_B_tensor_eigenvector_1_ortho[2]     ? 
_reflns.pdbx_aniso_B_tensor_eigenvector_1_ortho[3]     ? 
_reflns.pdbx_aniso_B_tensor_eigenvector_2_ortho[1]     ? 
_reflns.pdbx_aniso_B_tensor_eigenvector_2_ortho[2]     ? 
_reflns.pdbx_aniso_B_tensor_eigenvector_2_ortho[3]     ? 
_reflns.pdbx_aniso_B_tensor_eigenvector_3_ortho[1]     ? 
_reflns.pdbx_aniso_B_tensor_eigenvector_3_ortho[2]     ? 
_reflns.pdbx_aniso_B_tensor_eigenvector_3_ortho[3]     ? 
_reflns.pdbx_aniso_B_tensor_eigenvalue_1               ? 
_reflns.pdbx_aniso_B_tensor_eigenvalue_2               ? 
_reflns.pdbx_aniso_B_tensor_eigenvalue_3               ? 
_reflns.pdbx_orthogonalization_convention              ? 
_reflns.pdbx_percent_possible_ellipsoidal              ? 
_reflns.pdbx_percent_possible_spherical                ? 
_reflns.pdbx_percent_possible_ellipsoidal_anomalous    ? 
_reflns.pdbx_percent_possible_spherical_anomalous      ? 
_reflns.pdbx_redundancy_anomalous                      ? 
_reflns.pdbx_CC_half_anomalous                         ? 
_reflns.pdbx_absDiff_over_sigma_anomalous              ? 
_reflns.pdbx_percent_possible_anomalous                ? 
_reflns.pdbx_observed_signal_threshold                 ? 
_reflns.pdbx_signal_type                               ? 
_reflns.pdbx_signal_details                            ? 
_reflns.pdbx_signal_software_id                        ? 
# 
_reflns_shell.d_res_high                                    0.88 
_reflns_shell.d_res_low                                     0.9114 
_reflns_shell.meanI_over_sigI_all                           ? 
_reflns_shell.meanI_over_sigI_obs                           ? 
_reflns_shell.number_measured_all                           ? 
_reflns_shell.number_measured_obs                           ? 
_reflns_shell.number_possible                               ? 
_reflns_shell.number_unique_all                             ? 
_reflns_shell.number_unique_obs                             456 
_reflns_shell.percent_possible_all                          ? 
_reflns_shell.percent_possible_obs                          ? 
_reflns_shell.Rmerge_F_all                                  ? 
_reflns_shell.Rmerge_F_obs                                  ? 
_reflns_shell.Rmerge_I_all                                  ? 
_reflns_shell.Rmerge_I_obs                                  0.06869 
_reflns_shell.meanI_over_sigI_gt                            ? 
_reflns_shell.meanI_over_uI_all                             ? 
_reflns_shell.meanI_over_uI_gt                              ? 
_reflns_shell.number_measured_gt                            ? 
_reflns_shell.number_unique_gt                              ? 
_reflns_shell.percent_possible_gt                           ? 
_reflns_shell.Rmerge_F_gt                                   ? 
_reflns_shell.Rmerge_I_gt                                   ? 
_reflns_shell.pdbx_redundancy                               ? 
_reflns_shell.pdbx_Rsym_value                               ? 
_reflns_shell.pdbx_chi_squared                              ? 
_reflns_shell.pdbx_netI_over_sigmaI_all                     ? 
_reflns_shell.pdbx_netI_over_sigmaI_obs                     ? 
_reflns_shell.pdbx_Rrim_I_all                               ? 
_reflns_shell.pdbx_Rpim_I_all                               ? 
_reflns_shell.pdbx_rejects                                  ? 
_reflns_shell.pdbx_ordinal                                  1 
_reflns_shell.pdbx_diffrn_id                                1 
_reflns_shell.pdbx_CC_half                                  ? 
_reflns_shell.pdbx_CC_star                                  ? 
_reflns_shell.pdbx_R_split                                  ? 
_reflns_shell.pdbx_percent_possible_ellipsoidal             ? 
_reflns_shell.pdbx_percent_possible_spherical               ? 
_reflns_shell.pdbx_percent_possible_ellipsoidal_anomalous   ? 
_reflns_shell.pdbx_percent_possible_spherical_anomalous     ? 
_reflns_shell.pdbx_redundancy_anomalous                     ? 
_reflns_shell.pdbx_CC_half_anomalous                        ? 
_reflns_shell.pdbx_absDiff_over_sigma_anomalous             ? 
_reflns_shell.pdbx_percent_possible_anomalous               ? 
# 
_refine.aniso_B[1][1]                            ? 
_refine.aniso_B[1][2]                            ? 
_refine.aniso_B[1][3]                            ? 
_refine.aniso_B[2][2]                            ? 
_refine.aniso_B[2][3]                            ? 
_refine.aniso_B[3][3]                            ? 
_refine.B_iso_max                                ? 
_refine.B_iso_mean                               5.67 
_refine.B_iso_min                                ? 
_refine.correlation_coeff_Fo_to_Fc               ? 
_refine.correlation_coeff_Fo_to_Fc_free          ? 
_refine.details                                  ? 
_refine.diff_density_max                         ? 
_refine.diff_density_max_esd                     ? 
_refine.diff_density_min                         ? 
_refine.diff_density_min_esd                     ? 
_refine.diff_density_rms                         ? 
_refine.diff_density_rms_esd                     ? 
_refine.entry_id                                 7TM2 
_refine.pdbx_refine_id                           'X-RAY DIFFRACTION' 
_refine.ls_abs_structure_details                 ? 
_refine.ls_abs_structure_Flack                   ? 
_refine.ls_abs_structure_Flack_esd               ? 
_refine.ls_abs_structure_Rogers                  ? 
_refine.ls_abs_structure_Rogers_esd              ? 
_refine.ls_d_res_high                            0.88 
_refine.ls_d_res_low                             12.84 
_refine.ls_extinction_coef                       ? 
_refine.ls_extinction_coef_esd                   ? 
_refine.ls_extinction_expression                 ? 
_refine.ls_extinction_method                     ? 
_refine.ls_goodness_of_fit_all                   ? 
_refine.ls_goodness_of_fit_all_esd               ? 
_refine.ls_goodness_of_fit_obs                   ? 
_refine.ls_goodness_of_fit_obs_esd               ? 
_refine.ls_hydrogen_treatment                    ? 
_refine.ls_matrix_type                           ? 
_refine.ls_number_constraints                    ? 
_refine.ls_number_parameters                     ? 
_refine.ls_number_reflns_all                     ? 
_refine.ls_number_reflns_obs                     14928 
_refine.ls_number_reflns_R_free                  1492 
_refine.ls_number_reflns_R_work                  13436 
_refine.ls_number_restraints                     ? 
_refine.ls_percent_reflns_obs                    93.69 
_refine.ls_percent_reflns_R_free                 9.99 
_refine.ls_R_factor_all                          ? 
_refine.ls_R_factor_obs                          0.0995 
_refine.ls_R_factor_R_free                       0.1054 
_refine.ls_R_factor_R_free_error                 ? 
_refine.ls_R_factor_R_free_error_details         ? 
_refine.ls_R_factor_R_work                       0.0988 
_refine.ls_R_Fsqd_factor_obs                     ? 
_refine.ls_R_I_factor_obs                        ? 
_refine.ls_redundancy_reflns_all                 ? 
_refine.ls_redundancy_reflns_obs                 ? 
_refine.ls_restrained_S_all                      ? 
_refine.ls_restrained_S_obs                      ? 
_refine.ls_shift_over_esd_max                    ? 
_refine.ls_shift_over_esd_mean                   ? 
_refine.ls_structure_factor_coef                 ? 
_refine.ls_weighting_details                     ? 
_refine.ls_weighting_scheme                      ? 
_refine.ls_wR_factor_all                         ? 
_refine.ls_wR_factor_obs                         ? 
_refine.ls_wR_factor_R_free                      ? 
_refine.ls_wR_factor_R_work                      ? 
_refine.occupancy_max                            ? 
_refine.occupancy_min                            ? 
_refine.solvent_model_details                    'FLAT BULK SOLVENT MODEL' 
_refine.solvent_model_param_bsol                 ? 
_refine.solvent_model_param_ksol                 ? 
_refine.pdbx_R_complete                          ? 
_refine.ls_R_factor_gt                           ? 
_refine.ls_goodness_of_fit_gt                    ? 
_refine.ls_goodness_of_fit_ref                   ? 
_refine.ls_shift_over_su_max                     ? 
_refine.ls_shift_over_su_max_lt                  ? 
_refine.ls_shift_over_su_mean                    ? 
_refine.ls_shift_over_su_mean_lt                 ? 
_refine.pdbx_ls_sigma_I                          ? 
_refine.pdbx_ls_sigma_F                          1.39 
_refine.pdbx_ls_sigma_Fsqd                       ? 
_refine.pdbx_data_cutoff_high_absF               ? 
_refine.pdbx_data_cutoff_high_rms_absF           ? 
_refine.pdbx_data_cutoff_low_absF                ? 
_refine.pdbx_isotropic_thermal_model             ? 
_refine.pdbx_ls_cross_valid_method               'FREE R-VALUE' 
_refine.pdbx_method_to_determine_struct          'MOLECULAR REPLACEMENT' 
_refine.pdbx_starting_model                      7TLS 
_refine.pdbx_stereochemistry_target_values       'GeoStd + Monomer Library + CDL v1.2' 
_refine.pdbx_R_Free_selection_details            ? 
_refine.pdbx_stereochem_target_val_spec_case     ? 
_refine.pdbx_overall_ESU_R                       ? 
_refine.pdbx_overall_ESU_R_Free                  ? 
_refine.pdbx_solvent_vdw_probe_radii             1.1100 
_refine.pdbx_solvent_ion_probe_radii             ? 
_refine.pdbx_solvent_shrinkage_radii             0.9000 
_refine.pdbx_real_space_R                        ? 
_refine.pdbx_density_correlation                 ? 
_refine.pdbx_pd_number_of_powder_patterns        ? 
_refine.pdbx_pd_number_of_points                 ? 
_refine.pdbx_pd_meas_number_of_points            ? 
_refine.pdbx_pd_proc_ls_prof_R_factor            ? 
_refine.pdbx_pd_proc_ls_prof_wR_factor           ? 
_refine.pdbx_pd_Marquardt_correlation_coeff      ? 
_refine.pdbx_pd_Fsqrd_R_factor                   ? 
_refine.pdbx_pd_ls_matrix_band_width             ? 
_refine.pdbx_overall_phase_error                 12.1999 
_refine.pdbx_overall_SU_R_free_Cruickshank_DPI   ? 
_refine.pdbx_overall_SU_R_free_Blow_DPI          ? 
_refine.pdbx_overall_SU_R_Blow_DPI               ? 
_refine.pdbx_TLS_residual_ADP_flag               ? 
_refine.pdbx_diffrn_id                           1 
_refine.overall_SU_B                             ? 
_refine.overall_SU_ML                            0.0751 
_refine.overall_SU_R_Cruickshank_DPI             ? 
_refine.overall_SU_R_free                        ? 
_refine.overall_FOM_free_R_set                   ? 
_refine.overall_FOM_work_R_set                   ? 
_refine.pdbx_average_fsc_overall                 ? 
_refine.pdbx_average_fsc_work                    ? 
_refine.pdbx_average_fsc_free                    ? 
# 
_refine_hist.pdbx_refine_id                   'X-RAY DIFFRACTION' 
_refine_hist.cycle_id                         LAST 
_refine_hist.details                          ? 
_refine_hist.d_res_high                       0.88 
_refine_hist.d_res_low                        12.84 
_refine_hist.number_atoms_solvent             1 
_refine_hist.number_atoms_total               131 
_refine_hist.number_reflns_all                ? 
_refine_hist.number_reflns_obs                ? 
_refine_hist.number_reflns_R_free             ? 
_refine_hist.number_reflns_R_work             ? 
_refine_hist.R_factor_all                     ? 
_refine_hist.R_factor_obs                     ? 
_refine_hist.R_factor_R_free                  ? 
_refine_hist.R_factor_R_work                  ? 
_refine_hist.pdbx_number_residues_total       ? 
_refine_hist.pdbx_B_iso_mean_ligand           ? 
_refine_hist.pdbx_B_iso_mean_solvent          ? 
_refine_hist.pdbx_number_atoms_protein        81 
_refine_hist.pdbx_number_atoms_nucleic_acid   0 
_refine_hist.pdbx_number_atoms_ligand         49 
_refine_hist.pdbx_number_atoms_lipid          ? 
_refine_hist.pdbx_number_atoms_carb           ? 
_refine_hist.pdbx_pseudo_atom_details         ? 
# 
loop_
_refine_ls_restr.pdbx_refine_id 
_refine_ls_restr.criterion 
_refine_ls_restr.dev_ideal 
_refine_ls_restr.dev_ideal_target 
_refine_ls_restr.number 
_refine_ls_restr.rejects 
_refine_ls_restr.type 
_refine_ls_restr.weight 
_refine_ls_restr.pdbx_restraint_function 
'X-RAY DIFFRACTION' ? 0.0133  ? 149 ? f_bond_d           ? ? 
'X-RAY DIFFRACTION' ? 2.1343  ? 209 ? f_angle_d          ? ? 
'X-RAY DIFFRACTION' ? 0.0584  ? 10  ? f_chiral_restr     ? ? 
'X-RAY DIFFRACTION' ? 0.0125  ? 21  ? f_plane_restr      ? ? 
'X-RAY DIFFRACTION' ? 32.5703 ? 35  ? f_dihedral_angle_d ? ? 
# 
loop_
_refine_ls_shell.pdbx_refine_id 
_refine_ls_shell.d_res_high 
_refine_ls_shell.d_res_low 
_refine_ls_shell.number_reflns_all 
_refine_ls_shell.number_reflns_obs 
_refine_ls_shell.number_reflns_R_free 
_refine_ls_shell.number_reflns_R_work 
_refine_ls_shell.percent_reflns_obs 
_refine_ls_shell.percent_reflns_R_free 
_refine_ls_shell.R_factor_all 
_refine_ls_shell.R_factor_obs 
_refine_ls_shell.R_factor_R_free 
_refine_ls_shell.R_factor_R_free_error 
_refine_ls_shell.R_factor_R_work 
_refine_ls_shell.redundancy_reflns_all 
_refine_ls_shell.redundancy_reflns_obs 
_refine_ls_shell.wR_factor_all 
_refine_ls_shell.wR_factor_obs 
_refine_ls_shell.wR_factor_R_free 
_refine_ls_shell.wR_factor_R_work 
_refine_ls_shell.pdbx_R_complete 
_refine_ls_shell.pdbx_total_number_of_bins_used 
_refine_ls_shell.pdbx_phase_error 
_refine_ls_shell.pdbx_fsc_work 
_refine_ls_shell.pdbx_fsc_free 
'X-RAY DIFFRACTION' 0.88 0.91  . . 104 955  72.09 . . . 0.2772 . 0.2481 . . . . . . . . . . . 
'X-RAY DIFFRACTION' 0.91 0.94  . . 124 1134 89.22 . . . 0.2042 . 0.2092 . . . . . . . . . . . 
'X-RAY DIFFRACTION' 0.94 0.98  . . 140 1299 97.30 . . . 0.1797 . 0.1492 . . . . . . . . . . . 
'X-RAY DIFFRACTION' 0.98 1.02  . . 142 1250 96.40 . . . 0.1337 . 0.1381 . . . . . . . . . . . 
'X-RAY DIFFRACTION' 1.02 1.08  . . 147 1251 96.88 . . . 0.1656 . 0.1202 . . . . . . . . . . . 
'X-RAY DIFFRACTION' 1.08 1.14  . . 143 1291 96.24 . . . 0.1117 . 0.0974 . . . . . . . . . . . 
'X-RAY DIFFRACTION' 1.14 1.23  . . 133 1203 94.89 . . . 0.0902 . 0.0864 . . . . . . . . . . . 
'X-RAY DIFFRACTION' 1.23 1.36  . . 134 1249 95.18 . . . 0.1073 . 0.0913 . . . . . . . . . . . 
'X-RAY DIFFRACTION' 1.36 1.55  . . 147 1277 98.41 . . . 0.1103 . 0.0926 . . . . . . . . . . . 
'X-RAY DIFFRACTION' 1.55 1.95  . . 146 1284 97.74 . . . 0.0783 . 0.0851 . . . . . . . . . . . 
'X-RAY DIFFRACTION' 1.96 12.84 . . 132 1243 96.49 . . . 0.0717 . 0.0738 . . . . . . . . . . . 
# 
_struct.entry_id                     7TM2 
_struct.title                        'Porous framework formed by assembly of a bipyridyl-conjugated helical peptide' 
_struct.pdbx_model_details           ? 
_struct.pdbx_formula_weight          ? 
_struct.pdbx_formula_weight_method   ? 
_struct.pdbx_model_type_details      ? 
_struct.pdbx_CASP_flag               N 
# 
_struct_keywords.entry_id        7TM2 
_struct_keywords.text            'porous, framework, helix, 310, alpha, assembly, bipyridine, UIC-1, DE NOVO PROTEIN' 
_struct_keywords.pdbx_keywords   'DE NOVO PROTEIN' 
# 
loop_
_struct_asym.id 
_struct_asym.pdbx_blank_PDB_chainid_flag 
_struct_asym.pdbx_modified 
_struct_asym.entity_id 
_struct_asym.details 
A N N 1 ? 
B N N 2 ? 
C N N 2 ? 
D N N 2 ? 
E N N 3 ? 
# 
_struct_ref.id                         1 
_struct_ref.db_name                    PDB 
_struct_ref.db_code                    7TM2 
_struct_ref.pdbx_db_accession          7TM2 
_struct_ref.pdbx_db_isoform            ? 
_struct_ref.entity_id                  1 
_struct_ref.pdbx_seq_one_letter_code   ? 
_struct_ref.pdbx_align_begin           1 
# 
_struct_ref_seq.align_id                      1 
_struct_ref_seq.ref_id                        1 
_struct_ref_seq.pdbx_PDB_id_code              7TM2 
_struct_ref_seq.pdbx_strand_id                A 
_struct_ref_seq.seq_align_beg                 2 
_struct_ref_seq.pdbx_seq_align_beg_ins_code   ? 
_struct_ref_seq.seq_align_end                 10 
_struct_ref_seq.pdbx_seq_align_end_ins_code   ? 
_struct_ref_seq.pdbx_db_accession             7TM2 
_struct_ref_seq.db_align_beg                  2 
_struct_ref_seq.pdbx_db_align_beg_ins_code    ? 
_struct_ref_seq.db_align_end                  10 
_struct_ref_seq.pdbx_db_align_end_ins_code    ? 
_struct_ref_seq.pdbx_auth_seq_align_beg       2 
_struct_ref_seq.pdbx_auth_seq_align_end       10 
# 
_pdbx_struct_assembly.id                   1 
_pdbx_struct_assembly.details              software_defined_assembly 
_pdbx_struct_assembly.method_details       PISA 
_pdbx_struct_assembly.oligomeric_details   monomeric 
_pdbx_struct_assembly.oligomeric_count     1 
# 
_pdbx_struct_assembly_gen.assembly_id       1 
_pdbx_struct_assembly_gen.oper_expression   1 
_pdbx_struct_assembly_gen.asym_id_list      A,B,C,D,E 
# 
_pdbx_struct_assembly_auth_evidence.id                     1 
_pdbx_struct_assembly_auth_evidence.assembly_id            1 
_pdbx_struct_assembly_auth_evidence.experimental_support   none 
_pdbx_struct_assembly_auth_evidence.details                ? 
# 
_pdbx_struct_oper_list.id                   1 
_pdbx_struct_oper_list.type                 'identity operation' 
_pdbx_struct_oper_list.name                 1_555 
_pdbx_struct_oper_list.symmetry_operation   x,y,z 
_pdbx_struct_oper_list.matrix[1][1]         1.0000000000 
_pdbx_struct_oper_list.matrix[1][2]         0.0000000000 
_pdbx_struct_oper_list.matrix[1][3]         0.0000000000 
_pdbx_struct_oper_list.vector[1]            0.0000000000 
_pdbx_struct_oper_list.matrix[2][1]         0.0000000000 
_pdbx_struct_oper_list.matrix[2][2]         1.0000000000 
_pdbx_struct_oper_list.matrix[2][3]         0.0000000000 
_pdbx_struct_oper_list.vector[2]            0.0000000000 
_pdbx_struct_oper_list.matrix[3][1]         0.0000000000 
_pdbx_struct_oper_list.matrix[3][2]         0.0000000000 
_pdbx_struct_oper_list.matrix[3][3]         1.0000000000 
_pdbx_struct_oper_list.vector[3]            0.0000000000 
# 
_struct_conf.conf_type_id            HELX_P 
_struct_conf.id                      HELX_P1 
_struct_conf.pdbx_PDB_helix_id       AA1 
_struct_conf.beg_label_comp_id       LEU 
_struct_conf.beg_label_asym_id       A 
_struct_conf.beg_label_seq_id        2 
_struct_conf.pdbx_beg_PDB_ins_code   ? 
_struct_conf.end_label_comp_id       GLN 
_struct_conf.end_label_asym_id       A 
_struct_conf.end_label_seq_id        8 
_struct_conf.pdbx_end_PDB_ins_code   ? 
_struct_conf.beg_auth_comp_id        LEU 
_struct_conf.beg_auth_asym_id        A 
_struct_conf.beg_auth_seq_id         2 
_struct_conf.end_auth_comp_id        GLN 
_struct_conf.end_auth_asym_id        A 
_struct_conf.end_auth_seq_id         8 
_struct_conf.pdbx_PDB_helix_class    1 
_struct_conf.details                 ? 
_struct_conf.pdbx_PDB_helix_length   7 
# 
_struct_conf_type.id          HELX_P 
_struct_conf_type.criteria    ? 
_struct_conf_type.reference   ? 
# 
loop_
_struct_conn.id 
_struct_conn.conn_type_id 
_struct_conn.pdbx_leaving_atom_flag 
_struct_conn.pdbx_PDB_id 
_struct_conn.ptnr1_label_asym_id 
_struct_conn.ptnr1_label_comp_id 
_struct_conn.ptnr1_label_seq_id 
_struct_conn.ptnr1_label_atom_id 
_struct_conn.pdbx_ptnr1_label_alt_id 
_struct_conn.pdbx_ptnr1_PDB_ins_code 
_struct_conn.pdbx_ptnr1_standard_comp_id 
_struct_conn.ptnr1_symmetry 
_struct_conn.ptnr2_label_asym_id 
_struct_conn.ptnr2_label_comp_id 
_struct_conn.ptnr2_label_seq_id 
_struct_conn.ptnr2_label_atom_id 
_struct_conn.pdbx_ptnr2_label_alt_id 
_struct_conn.pdbx_ptnr2_PDB_ins_code 
_struct_conn.ptnr1_auth_asym_id 
_struct_conn.ptnr1_auth_comp_id 
_struct_conn.ptnr1_auth_seq_id 
_struct_conn.ptnr2_auth_asym_id 
_struct_conn.ptnr2_auth_comp_id 
_struct_conn.ptnr2_auth_seq_id 
_struct_conn.ptnr2_symmetry 
_struct_conn.pdbx_ptnr3_label_atom_id 
_struct_conn.pdbx_ptnr3_label_seq_id 
_struct_conn.pdbx_ptnr3_label_comp_id 
_struct_conn.pdbx_ptnr3_label_asym_id 
_struct_conn.pdbx_ptnr3_label_alt_id 
_struct_conn.pdbx_ptnr3_PDB_ins_code 
_struct_conn.details 
_struct_conn.pdbx_dist_value 
_struct_conn.pdbx_value_order 
_struct_conn.pdbx_role 
covale1  covale one  ? A I6W 1  C02 ? ? ? 1_555 A LEU 2  N   ? ? A I6W 1  A LEU 2  1_555 ? ? ? ? ? ? ? 1.414 ? ? 
covale2  covale both ? A LEU 2  C   ? ? ? 1_555 A AIB 3  N   ? ? A LEU 2  A AIB 3  1_555 ? ? ? ? ? ? ? 1.329 ? ? 
covale3  covale both ? A AIB 3  C   ? ? ? 1_555 A ALA 4  N   ? ? A AIB 3  A ALA 4  1_555 ? ? ? ? ? ? ? 1.337 ? ? 
covale4  covale both ? A ALA 4  C   ? ? ? 1_555 A AIB 5  N   ? ? A ALA 4  A AIB 5  1_555 ? ? ? ? ? ? ? 1.331 ? ? 
covale5  covale both ? A AIB 5  C   ? ? ? 1_555 A LEU 6  N   ? ? A AIB 5  A LEU 6  1_555 ? ? ? ? ? ? ? 1.338 ? ? 
covale6  covale both ? A LEU 6  C   ? ? ? 1_555 A AIB 7  N   ? ? A LEU 6  A AIB 7  1_555 ? ? ? ? ? ? ? 1.333 ? ? 
covale7  covale both ? A AIB 7  C   ? ? ? 1_555 A GLN 8  N   ? ? A AIB 7  A GLN 8  1_555 ? ? ? ? ? ? ? 1.336 ? ? 
covale8  covale both ? A GLN 8  C   ? ? ? 1_555 A AIB 9  N   ? ? A GLN 8  A AIB 9  1_555 ? ? ? ? ? ? ? 1.341 ? ? 
covale9  covale both ? A AIB 9  C   ? ? ? 1_555 A LEU 10 N   A ? A AIB 9  A LEU 10 1_555 ? ? ? ? ? ? ? 1.338 ? ? 
covale10 covale both ? A AIB 9  C   ? ? ? 1_555 A LEU 10 N   B ? A AIB 9  A LEU 10 1_555 ? ? ? ? ? ? ? 1.335 ? ? 
covale11 covale one  ? A LEU 10 C   A ? ? 1_555 A I77 11 N15 ? ? A LEU 10 A I77 11 1_555 ? ? ? ? ? ? ? 1.417 ? ? 
covale12 covale one  ? A LEU 10 C   B ? ? 1_555 A I77 11 N15 ? ? A LEU 10 A I77 11 1_555 ? ? ? ? ? ? ? 1.422 ? ? 
# 
_struct_conn_type.id          covale 
_struct_conn_type.criteria    ? 
_struct_conn_type.reference   ? 
# 
_pdbx_entry_details.entry_id                   7TM2 
_pdbx_entry_details.has_ligand_of_interest     N 
_pdbx_entry_details.compound_details           ? 
_pdbx_entry_details.source_details             ? 
_pdbx_entry_details.nonpolymer_details         ? 
_pdbx_entry_details.sequence_details           ? 
_pdbx_entry_details.has_protein_modification   ? 
# 
loop_
_space_group_symop.id 
_space_group_symop.operation_xyz 
1 x,y,z       
2 -x,y+1/2,-z 
# 
loop_
_chem_comp_atom.comp_id 
_chem_comp_atom.atom_id 
_chem_comp_atom.type_symbol 
_chem_comp_atom.pdbx_aromatic_flag 
_chem_comp_atom.pdbx_stereo_config 
_chem_comp_atom.pdbx_ordinal 
AIB N    N N N 1   
AIB CA   C N N 2   
AIB C    C N N 3   
AIB O    O N N 4   
AIB OXT  O N N 5   
AIB CB1  C N N 6   
AIB CB2  C N N 7   
AIB H    H N N 8   
AIB H2   H N N 9   
AIB HXT  H N N 10  
AIB HB11 H N N 11  
AIB HB12 H N N 12  
AIB HB13 H N N 13  
AIB HB21 H N N 14  
AIB HB22 H N N 15  
AIB HB23 H N N 16  
ALA N    N N N 17  
ALA CA   C N S 18  
ALA C    C N N 19  
ALA O    O N N 20  
ALA CB   C N N 21  
ALA OXT  O N N 22  
ALA H    H N N 23  
ALA H2   H N N 24  
ALA HA   H N N 25  
ALA HB1  H N N 26  
ALA HB2  H N N 27  
ALA HB3  H N N 28  
ALA HXT  H N N 29  
GLN N    N N N 30  
GLN CA   C N S 31  
GLN C    C N N 32  
GLN O    O N N 33  
GLN CB   C N N 34  
GLN CG   C N N 35  
GLN CD   C N N 36  
GLN OE1  O N N 37  
GLN NE2  N N N 38  
GLN OXT  O N N 39  
GLN H    H N N 40  
GLN H2   H N N 41  
GLN HA   H N N 42  
GLN HB2  H N N 43  
GLN HB3  H N N 44  
GLN HG2  H N N 45  
GLN HG3  H N N 46  
GLN HE21 H N N 47  
GLN HE22 H N N 48  
GLN HXT  H N N 49  
HOH O    O N N 50  
HOH H1   H N N 51  
HOH H2   H N N 52  
I6W C05  C Y N 53  
I6W C08  C Y N 54  
I6W C09  C Y N 55  
I6W N10  N Y N 56  
I6W C02  C N N 57  
I6W C03  C Y N 58  
I6W C04  C Y N 59  
I6W C06  C Y N 60  
I6W C11  C Y N 61  
I6W C12  C Y N 62  
I6W C13  C N N 63  
I6W C15  C N N 64  
I6W C16  C N N 65  
I6W C18  C Y N 66  
I6W C19  C Y N 67  
I6W N07  N Y N 68  
I6W O01  O N N 69  
I6W O14  O N N 70  
I6W O17  O N N 71  
I6W H051 H N N 72  
I6W H1   H N N 73  
I6W H041 H N N 74  
I6W H061 H N N 75  
I6W H111 H N N 76  
I6W H152 H N N 77  
I6W H151 H N N 78  
I6W H162 H N N 79  
I6W H163 H N N 80  
I6W H161 H N N 81  
I6W H181 H N N 82  
I6W H191 H N N 83  
I77 C11  C Y N 84  
I77 C12  C Y N 85  
I77 C13  C N N 86  
I77 C17  C Y N 87  
I77 C18  C Y N 88  
I77 C02  C N N 89  
I77 C03  C Y N 90  
I77 C04  C Y N 91  
I77 C05  C Y N 92  
I77 C06  C Y N 93  
I77 C08  C Y N 94  
I77 C09  C Y N 95  
I77 N01  N N N 96  
I77 N07  N Y N 97  
I77 N10  N Y N 98  
I77 N14  N N N 99  
I77 N15  N N N 100 
I77 O16  O N N 101 
I77 O19  O N N 102 
I77 H111 H N N 103 
I77 H171 H N N 104 
I77 H181 H N N 105 
I77 H041 H N N 106 
I77 H051 H N N 107 
I77 H061 H N N 108 
I77 H011 H N N 109 
I77 H012 H N N 110 
I77 H141 H N N 111 
I77 H1   H N N 112 
I77 H2   H N N 113 
I7E C01  C N N 114 
I7E C02  C N N 115 
I7E C03  C N N 116 
I7E C04  C N N 117 
I7E C05  C Y N 118 
I7E C06  C Y N 119 
I7E C07  C Y N 120 
I7E C08  C Y N 121 
I7E C09  C Y N 122 
I7E C10  C Y N 123 
I7E H013 H N N 124 
I7E H012 H N N 125 
I7E H011 H N N 126 
I7E H031 H N N 127 
I7E H033 H N N 128 
I7E H032 H N N 129 
I7E H041 H N N 130 
I7E H043 H N N 131 
I7E H042 H N N 132 
I7E H061 H N N 133 
I7E H071 H N N 134 
I7E H081 H N N 135 
I7E H091 H N N 136 
I7E H101 H N N 137 
LEU N    N N N 138 
LEU CA   C N S 139 
LEU C    C N N 140 
LEU O    O N N 141 
LEU CB   C N N 142 
LEU CG   C N N 143 
LEU CD1  C N N 144 
LEU CD2  C N N 145 
LEU OXT  O N N 146 
LEU H    H N N 147 
LEU H2   H N N 148 
LEU HA   H N N 149 
LEU HB2  H N N 150 
LEU HB3  H N N 151 
LEU HG   H N N 152 
LEU HD11 H N N 153 
LEU HD12 H N N 154 
LEU HD13 H N N 155 
LEU HD21 H N N 156 
LEU HD22 H N N 157 
LEU HD23 H N N 158 
LEU HXT  H N N 159 
# 
loop_
_chem_comp_bond.comp_id 
_chem_comp_bond.atom_id_1 
_chem_comp_bond.atom_id_2 
_chem_comp_bond.value_order 
_chem_comp_bond.pdbx_aromatic_flag 
_chem_comp_bond.pdbx_stereo_config 
_chem_comp_bond.pdbx_ordinal 
AIB N   CA   sing N N 1   
AIB N   H    sing N N 2   
AIB N   H2   sing N N 3   
AIB CA  C    sing N N 4   
AIB CA  CB1  sing N N 5   
AIB CA  CB2  sing N N 6   
AIB C   O    doub N N 7   
AIB C   OXT  sing N N 8   
AIB OXT HXT  sing N N 9   
AIB CB1 HB11 sing N N 10  
AIB CB1 HB12 sing N N 11  
AIB CB1 HB13 sing N N 12  
AIB CB2 HB21 sing N N 13  
AIB CB2 HB22 sing N N 14  
AIB CB2 HB23 sing N N 15  
ALA N   CA   sing N N 16  
ALA N   H    sing N N 17  
ALA N   H2   sing N N 18  
ALA CA  C    sing N N 19  
ALA CA  CB   sing N N 20  
ALA CA  HA   sing N N 21  
ALA C   O    doub N N 22  
ALA C   OXT  sing N N 23  
ALA CB  HB1  sing N N 24  
ALA CB  HB2  sing N N 25  
ALA CB  HB3  sing N N 26  
ALA OXT HXT  sing N N 27  
GLN N   CA   sing N N 28  
GLN N   H    sing N N 29  
GLN N   H2   sing N N 30  
GLN CA  C    sing N N 31  
GLN CA  CB   sing N N 32  
GLN CA  HA   sing N N 33  
GLN C   O    doub N N 34  
GLN C   OXT  sing N N 35  
GLN CB  CG   sing N N 36  
GLN CB  HB2  sing N N 37  
GLN CB  HB3  sing N N 38  
GLN CG  CD   sing N N 39  
GLN CG  HG2  sing N N 40  
GLN CG  HG3  sing N N 41  
GLN CD  OE1  doub N N 42  
GLN CD  NE2  sing N N 43  
GLN NE2 HE21 sing N N 44  
GLN NE2 HE22 sing N N 45  
GLN OXT HXT  sing N N 46  
HOH O   H1   sing N N 47  
HOH O   H2   sing N N 48  
I6W O01 C02  doub N N 49  
I6W C02 C03  sing N N 50  
I6W C03 C06  doub Y N 51  
I6W C03 C04  sing Y N 52  
I6W C06 N07  sing Y N 53  
I6W C04 C05  doub Y N 54  
I6W N07 C08  doub Y N 55  
I6W C05 C08  sing Y N 56  
I6W C08 C09  sing N N 57  
I6W C09 C19  doub Y N 58  
I6W C09 N10  sing Y N 59  
I6W C19 C18  sing Y N 60  
I6W N10 C11  doub Y N 61  
I6W C18 C12  doub Y N 62  
I6W C11 C12  sing Y N 63  
I6W C12 C13  sing N N 64  
I6W C13 O17  doub N N 65  
I6W C13 O14  sing N N 66  
I6W O14 C15  sing N N 67  
I6W C15 C16  sing N N 68  
I6W C05 H051 sing N N 69  
I6W C02 H1   sing N N 70  
I6W C04 H041 sing N N 71  
I6W C06 H061 sing N N 72  
I6W C11 H111 sing N N 73  
I6W C15 H152 sing N N 74  
I6W C15 H151 sing N N 75  
I6W C16 H162 sing N N 76  
I6W C16 H163 sing N N 77  
I6W C16 H161 sing N N 78  
I6W C18 H181 sing N N 79  
I6W C19 H191 sing N N 80  
I77 N15 N14  sing N N 81  
I77 O16 C13  doub N N 82  
I77 N14 C13  sing N N 83  
I77 C13 C12  sing N N 84  
I77 C12 C17  doub Y N 85  
I77 C12 C11  sing Y N 86  
I77 C17 C18  sing Y N 87  
I77 C11 N10  doub Y N 88  
I77 C18 C09  doub Y N 89  
I77 N10 C09  sing Y N 90  
I77 C09 C08  sing N N 91  
I77 C08 N07  doub Y N 92  
I77 C08 C05  sing Y N 93  
I77 N07 C06  sing Y N 94  
I77 C05 C04  doub Y N 95  
I77 C06 C03  doub Y N 96  
I77 C04 C03  sing Y N 97  
I77 C03 C02  sing N N 98  
I77 C02 N01  sing N N 99  
I77 C02 O19  doub N N 100 
I77 C11 H111 sing N N 101 
I77 C17 H171 sing N N 102 
I77 C18 H181 sing N N 103 
I77 C04 H041 sing N N 104 
I77 C05 H051 sing N N 105 
I77 C06 H061 sing N N 106 
I77 N01 H011 sing N N 107 
I77 N01 H012 sing N N 108 
I77 N14 H141 sing N N 109 
I77 N15 H1   sing N N 110 
I77 N15 H2   sing N N 111 
I7E C03 C02  sing N N 112 
I7E C08 C09  doub Y N 113 
I7E C08 C07  sing Y N 114 
I7E C09 C10  sing Y N 115 
I7E C07 C06  doub Y N 116 
I7E C10 C05  doub Y N 117 
I7E C01 C02  sing N N 118 
I7E C06 C05  sing Y N 119 
I7E C05 C02  sing N N 120 
I7E C02 C04  sing N N 121 
I7E C01 H013 sing N N 122 
I7E C01 H012 sing N N 123 
I7E C01 H011 sing N N 124 
I7E C03 H031 sing N N 125 
I7E C03 H033 sing N N 126 
I7E C03 H032 sing N N 127 
I7E C04 H041 sing N N 128 
I7E C04 H043 sing N N 129 
I7E C04 H042 sing N N 130 
I7E C06 H061 sing N N 131 
I7E C07 H071 sing N N 132 
I7E C08 H081 sing N N 133 
I7E C09 H091 sing N N 134 
I7E C10 H101 sing N N 135 
LEU N   CA   sing N N 136 
LEU N   H    sing N N 137 
LEU N   H2   sing N N 138 
LEU CA  C    sing N N 139 
LEU CA  CB   sing N N 140 
LEU CA  HA   sing N N 141 
LEU C   O    doub N N 142 
LEU C   OXT  sing N N 143 
LEU CB  CG   sing N N 144 
LEU CB  HB2  sing N N 145 
LEU CB  HB3  sing N N 146 
LEU CG  CD1  sing N N 147 
LEU CG  CD2  sing N N 148 
LEU CG  HG   sing N N 149 
LEU CD1 HD11 sing N N 150 
LEU CD1 HD12 sing N N 151 
LEU CD1 HD13 sing N N 152 
LEU CD2 HD21 sing N N 153 
LEU CD2 HD22 sing N N 154 
LEU CD2 HD23 sing N N 155 
LEU OXT HXT  sing N N 156 
# 
_pdbx_audit_support.funding_organization   'Department of Energy (DOE, United States)' 
_pdbx_audit_support.country                ? 
_pdbx_audit_support.grant_number           DE-AC02-06CH11357 
_pdbx_audit_support.ordinal                1 
# 
_pdbx_initial_refinement_model.id               1 
_pdbx_initial_refinement_model.entity_id_list   ? 
_pdbx_initial_refinement_model.type             'experimental model' 
_pdbx_initial_refinement_model.source_name      PDB 
_pdbx_initial_refinement_model.accession_code   7TLS 
_pdbx_initial_refinement_model.details          ? 
# 
_space_group.name_H-M_alt     'P 1 21 1' 
_space_group.name_Hall        'P 2yb' 
_space_group.IT_number        4 
_space_group.crystal_system   monoclinic 
_space_group.id               1 
# 
_atom_sites.entry_id                    7TM2 
_atom_sites.Cartn_transf_matrix[1][1]   ? 
_atom_sites.Cartn_transf_matrix[1][2]   ? 
_atom_sites.Cartn_transf_matrix[1][3]   ? 
_atom_sites.Cartn_transf_matrix[2][1]   ? 
_atom_sites.Cartn_transf_matrix[2][2]   ? 
_atom_sites.Cartn_transf_matrix[2][3]   ? 
_atom_sites.Cartn_transf_matrix[3][1]   ? 
_atom_sites.Cartn_transf_matrix[3][2]   ? 
_atom_sites.Cartn_transf_matrix[3][3]   ? 
_atom_sites.Cartn_transf_vector[1]      ? 
_atom_sites.Cartn_transf_vector[2]      ? 
_atom_sites.Cartn_transf_vector[3]      ? 
_atom_sites.fract_transf_matrix[1][1]   -0.00089599 
_atom_sites.fract_transf_matrix[1][2]   -0.06486958 
_atom_sites.fract_transf_matrix[1][3]   -0.03435222 
_atom_sites.fract_transf_matrix[2][1]   -0.04487045 
_atom_sites.fract_transf_matrix[2][2]   0.02747959 
_atom_sites.fract_transf_matrix[2][3]   -0.05072120 
_atom_sites.fract_transf_matrix[3][1]   0.02833376 
_atom_sites.fract_transf_matrix[3][2]   0.00619483 
_atom_sites.fract_transf_matrix[3][3]   -0.02170921 
_atom_sites.fract_transf_vector[1]      -0.313492 
_atom_sites.fract_transf_vector[2]      0.190776 
_atom_sites.fract_transf_vector[3]      -0.163736 
_atom_sites.solution_primary            ? 
_atom_sites.solution_secondary          ? 
_atom_sites.solution_hydrogens          ? 
_atom_sites.special_details             ? 
# 
loop_
_atom_type.symbol 
_atom_type.scat_dispersion_real 
_atom_type.scat_dispersion_imag 
_atom_type.scat_Cromer_Mann_a1 
_atom_type.scat_Cromer_Mann_a2 
_atom_type.scat_Cromer_Mann_a3 
_atom_type.scat_Cromer_Mann_a4 
_atom_type.scat_Cromer_Mann_b1 
_atom_type.scat_Cromer_Mann_b2 
_atom_type.scat_Cromer_Mann_b3 
_atom_type.scat_Cromer_Mann_b4 
_atom_type.scat_Cromer_Mann_c 
_atom_type.scat_source 
_atom_type.scat_dispersion_source 
C ? ? 2.51340 1.74867 1.72398 ? 31.80534 0.44561  10.58317 ? 0.0 
;3-Gaussian fit: Grosse-Kunstleve RW, Sauter NK, Adams PD: Newsletter of the IUCr Commission on Crystallographic Computing 2004, 3, 22-31.
;
? 
H ? ? 0.53795 0.34799 0.11320 ? 10.08003 29.74760 2.57510  ? 0.0 
;3-Gaussian fit: Grosse-Kunstleve RW, Sauter NK, Adams PD: Newsletter of the IUCr Commission on Crystallographic Computing 2004, 3, 22-31.
;
? 
N ? ? 2.99955 2.25584 1.72788 ? 23.27268 7.45433  0.31622  ? 0.0 
;3-Gaussian fit: Grosse-Kunstleve RW, Sauter NK, Adams PD: Newsletter of the IUCr Commission on Crystallographic Computing 2004, 3, 22-31.
;
? 
O ? ? 3.21184 3.04156 1.73156 ? 18.83700 5.90590  0.24126  ? 0.0 
;3-Gaussian fit: Grosse-Kunstleve RW, Sauter NK, Adams PD: Newsletter of the IUCr Commission on Crystallographic Computing 2004, 3, 22-31.
;
? 
# 
loop_
_atom_site.group_PDB 
_atom_site.id 
_atom_site.type_symbol 
_atom_site.label_atom_id 
_atom_site.label_alt_id 
_atom_site.label_comp_id 
_atom_site.label_asym_id 
_atom_site.label_entity_id 
_atom_site.label_seq_id 
_atom_site.pdbx_PDB_ins_code 
_atom_site.Cartn_x 
_atom_site.Cartn_y 
_atom_site.Cartn_z 
_atom_site.occupancy 
_atom_site.B_iso_or_equiv 
_atom_site.pdbx_formal_charge 
_atom_site.auth_seq_id 
_atom_site.auth_comp_id 
_atom_site.auth_asym_id 
_atom_site.auth_atom_id 
_atom_site.pdbx_PDB_model_num 
HETATM 1   C C05  . I6W A 1 1  ? -7.67049  6.56214  2.28698  1.000 4.39000  ? 1   I6W A C05  1 
HETATM 2   C C08  . I6W A 1 1  ? -7.65027  7.80107  2.81208  1.000 4.44790  ? 1   I6W A C08  1 
HETATM 3   C C09  . I6W A 1 1  ? -8.70278  8.03250  3.87577  1.000 4.61897  ? 1   I6W A C09  1 
HETATM 4   N N10  . I6W A 1 1  ? -9.67699  7.13757  4.15621  1.000 5.86649  ? 1   I6W A N10  1 
HETATM 5   C C02  . I6W A 1 1  ? -4.75836  6.61946  -0.01034 1.000 4.69267  ? 1   I6W A C02  1 
HETATM 6   C C03  . I6W A 1 1  ? -5.76404  7.16340  0.98671  1.000 4.48475  ? 1   I6W A C03  1 
HETATM 7   C C04  . I6W A 1 1  ? -6.71981  6.23736  1.36078  1.000 4.98744  ? 1   I6W A C04  1 
HETATM 8   C C06  . I6W A 1 1  ? -5.76831  8.43849  1.52857  1.000 4.92427  ? 1   I6W A C06  1 
HETATM 9   C C11  . I6W A 1 1  ? -10.55613 7.35249  5.13107  1.000 5.20852  ? 1   I6W A C11  1 
HETATM 10  C C12  . I6W A 1 1  ? -10.45774 8.51008  5.85850  1.000 4.90585  ? 1   I6W A C12  1 
HETATM 11  C C13  . I6W A 1 1  ? -11.48109 8.76107  6.96750  1.000 5.94019  ? 1   I6W A C13  1 
HETATM 12  C C15  . I6W A 1 1  ? -11.99112 10.05720 8.87449  1.000 12.32516 ? 1   I6W A C15  1 
HETATM 13  C C16  . I6W A 1 1  ? -12.97208 11.21819 8.68979  1.000 14.14117 ? 1   I6W A C16  1 
HETATM 14  C C18  . I6W A 1 1  ? -9.46485  9.42642  5.59186  1.000 5.14272  ? 1   I6W A C18  1 
HETATM 15  C C19  . I6W A 1 1  ? -8.55876  9.17806  4.59090  1.000 4.40316  ? 1   I6W A C19  1 
HETATM 16  N N07  . I6W A 1 1  ? -6.71747  8.72948  2.44376  1.000 5.48750  ? 1   I6W A N07  1 
HETATM 17  O O01  . I6W A 1 1  ? -4.62587  5.42728  -0.20431 1.000 4.68214  ? 1   I6W A O01  1 
HETATM 18  O O14  . I6W A 1 1  ? -11.21907 9.91954  7.68177  1.000 9.50903  ? 1   I6W A O14  1 
HETATM 19  O O17  . I6W A 1 1  ? -12.38369 8.03888  7.21046  1.000 5.76648  ? 1   I6W A O17  1 
HETATM 20  H H051 . I6W A 1 1  ? -8.40968  5.85205  2.58645  1.000 5.27000  ? 1   I6W A H051 1 
HETATM 21  H H041 . I6W A 1 1  ? -6.71340  5.21538  0.90229  1.000 5.99000  ? 1   I6W A H041 1 
HETATM 22  H H061 . I6W A 1 1  ? -5.03242  9.17858  1.22666  1.000 5.92000  ? 1   I6W A H061 1 
HETATM 23  H H111 . I6W A 1 1  ? -11.32028 6.64074  5.34077  1.000 6.25000  ? 1   I6W A H111 1 
HETATM 24  H H152 . I6W A 1 1  ? -11.33408 10.26479 9.71115  1.000 14.80000 ? 1   I6W A H152 1 
HETATM 25  H H151 . I6W A 1 1  ? -12.53925 9.14246  9.06121  1.000 14.80000 ? 1   I6W A H151 1 
HETATM 26  H H162 . I6W A 1 1  ? -12.55079 12.13255 9.14677  1.000 16.97000 ? 1   I6W A H162 1 
HETATM 27  H H163 . I6W A 1 1  ? -13.93279 10.97022 9.17913  1.000 16.97000 ? 1   I6W A H163 1 
HETATM 28  H H161 . I6W A 1 1  ? -13.14226 11.38938 7.61037  1.000 16.97000 ? 1   I6W A H161 1 
HETATM 29  H H181 . I6W A 1 1  ? -9.39854  10.34663 6.17296  1.000 6.18000  ? 1   I6W A H181 1 
HETATM 30  H H191 . I6W A 1 1  ? -7.75129  9.87561  4.37696  1.000 5.29000  ? 1   I6W A H191 1 
ATOM   31  N N    . LEU A 1 2  ? -3.81229  7.54456  -0.50746 1.000 5.36117  ? 2   LEU A N    1 
ATOM   32  C CA   . LEU A 1 2  ? -2.77091  7.06305  -1.37836 1.000 5.94019  ? 2   LEU A CA   1 
ATOM   33  C C    . LEU A 1 2  ? -1.90081  6.02684  -0.65192 1.000 5.58488  ? 2   LEU A C    1 
ATOM   34  O O    . LEU A 1 2  ? -1.47327  5.02481  -1.24594 1.000 6.01125  ? 2   LEU A O    1 
ATOM   35  C CB   . LEU A 1 2  ? -1.88453  8.23621  -1.78915 1.000 7.04558  ? 2   LEU A CB   1 
ATOM   36  C CG   . LEU A 1 2  ? -0.63610  7.91311  -2.61330 1.000 7.84568  ? 2   LEU A CG   1 
ATOM   37  C CD1  . LEU A 1 2  ? -0.94170  7.11129  -3.87675 1.000 7.64039  ? 2   LEU A CD1  1 
ATOM   38  C CD2  . LEU A 1 2  ? 0.10395   9.19876  -2.93599 1.000 9.29848  ? 2   LEU A CD2  1 
ATOM   39  H H1   . LEU A 1 2  ? -3.57439  8.19920  -0.00015 1.000 6.44000  ? 2   LEU A H1   1 
ATOM   40  H HA   . LEU A 1 2  ? -3.16327  6.65194  -2.16462 1.000 7.14000  ? 2   LEU A HA   1 
ATOM   41  H HB2  . LEU A 1 2  ? -2.42390  8.84469  -2.31947 1.000 8.46000  ? 2   LEU A HB2  1 
ATOM   42  H HB3  . LEU A 1 2  ? -1.58290  8.67886  -0.98046 1.000 8.46000  ? 2   LEU A HB3  1 
ATOM   43  H HG   . LEU A 1 2  ? -0.06156  7.33967  -2.08214 1.000 9.42000  ? 2   LEU A HG   1 
ATOM   44  H HD11 . LEU A 1 2  ? -0.11103  6.93182  -4.34573 1.000 9.18000  ? 2   LEU A HD11 1 
ATOM   45  H HD12 . LEU A 1 2  ? -1.36643  6.27610  -3.62642 1.000 9.18000  ? 2   LEU A HD12 1 
ATOM   46  H HD13 . LEU A 1 2  ? -1.53583  7.62775  -4.44306 1.000 9.18000  ? 2   LEU A HD13 1 
ATOM   47  H HD21 . LEU A 1 2  ? 0.90410   8.98496  -3.44123 1.000 11.17000 ? 2   LEU A HD21 1 
ATOM   48  H HD22 . LEU A 1 2  ? -0.47514  9.77336  -3.46106 1.000 11.17000 ? 2   LEU A HD22 1 
ATOM   49  H HD23 . LEU A 1 2  ? 0.34402   9.64108  -2.10760 1.000 11.17000 ? 2   LEU A HD23 1 
HETATM 50  N N    . AIB A 1 3  ? -1.59896  6.27014  0.61916  1.000 5.31116  ? 3   AIB A N    1 
HETATM 51  C CA   . AIB A 1 3  ? -0.73264  5.38003  1.36902  1.000 5.86123  ? 3   AIB A CA   1 
HETATM 52  C C    . AIB A 1 3  ? -1.24892  3.92063  1.31173  1.000 5.22957  ? 3   AIB A C    1 
HETATM 53  O O    . AIB A 1 3  ? -0.51214  2.98098  1.01395  1.000 5.47697  ? 3   AIB A O    1 
HETATM 54  C CB1  . AIB A 1 3  ? 0.71359   5.41400  0.81982  1.000 6.71133  ? 3   AIB A CB1  1 
HETATM 55  C CB2  . AIB A 1 3  ? -0.69710  5.79088  2.85264  1.000 5.89018  ? 3   AIB A CB2  1 
HETATM 56  H H    . AIB A 1 3  ? -2.15798  6.82284  1.23879  1.000 6.38000  ? 3   AIB A H    1 
HETATM 57  H HB11 . AIB A 1 3  ? 1.11440   6.45362  0.87863  1.000 8.06000  ? 3   AIB A HB11 1 
HETATM 58  H HB12 . AIB A 1 3  ? 1.36143   4.73484  1.42482  1.000 8.06000  ? 3   AIB A HB12 1 
HETATM 59  H HB13 . AIB A 1 3  ? 0.72048   5.07654  -0.24372 1.000 8.06000  ? 3   AIB A HB13 1 
HETATM 60  H HB21 . AIB A 1 3  ? -1.70115  6.18225  3.14746  1.000 7.07000  ? 3   AIB A HB21 1 
HETATM 61  H HB22 . AIB A 1 3  ? -0.43990  4.89735  3.47238  1.000 7.07000  ? 3   AIB A HB22 1 
HETATM 62  H HB23 . AIB A 1 3  ? 0.07549   6.58543  2.99300  1.000 7.07000  ? 3   AIB A HB23 1 
ATOM   63  N N    . ALA A 1 4  ? -2.54113  3.72482  1.59522  1.000 4.56107  ? 4   ALA A N    1 
ATOM   64  C CA   . ALA A 1 4  ? -3.12529  2.38023  1.56220  1.000 4.47685  ? 4   ALA A CA   1 
ATOM   65  C C    . ALA A 1 4  ? -2.99849  1.74826  0.17395  1.000 4.09260  ? 4   ALA A C    1 
ATOM   66  O O    . ALA A 1 4  ? -2.68930  0.55061  0.04549  1.000 4.34526  ? 4   ALA A O    1 
ATOM   67  C CB   . ALA A 1 4  ? -4.59878  2.42211  1.98066  1.000 4.84269  ? 4   ALA A CB   1 
ATOM   68  H H    . ALA A 1 4  ? -3.09496  4.34834  1.80628  1.000 5.48000  ? 4   ALA A H    1 
ATOM   69  H HA   . ALA A 1 4  ? -2.64077  1.82524  2.19307  1.000 5.38000  ? 4   ALA A HA   1 
ATOM   70  H HB1  . ALA A 1 4  ? -4.98230  1.53713  1.87506  1.000 5.82000  ? 4   ALA A HB1  1 
ATOM   71  H HB2  . ALA A 1 4  ? -4.65604  2.69995  2.90804  1.000 5.82000  ? 4   ALA A HB2  1 
ATOM   72  H HB3  . ALA A 1 4  ? -5.06913  3.05529  1.41563  1.000 5.82000  ? 4   ALA A HB3  1 
HETATM 73  N N    . AIB A 1 5  ? -3.28874  2.55452  -0.84423 1.000 4.03206  ? 5   AIB A N    1 
HETATM 74  C CA   . AIB A 1 5  ? -3.26591  2.10827  -2.23008 1.000 4.33736  ? 5   AIB A CA   1 
HETATM 75  C C    . AIB A 1 5  ? -1.91374  1.45927  -2.58628 1.000 4.45580  ? 5   AIB A C    1 
HETATM 76  O O    . AIB A 1 5  ? -1.82390  0.48459  -3.33790 1.000 5.09272  ? 5   AIB A O    1 
HETATM 77  C CB1  . AIB A 1 5  ? -4.41429  1.10972  -2.48856 1.000 4.79005  ? 5   AIB A CB1  1 
HETATM 78  C CB2  . AIB A 1 5  ? -3.46601  3.32873  -3.15259 1.000 4.96638  ? 5   AIB A CB2  1 
HETATM 79  H H    . AIB A 1 5  ? -3.85724  3.37403  -0.76328 1.000 4.84000  ? 5   AIB A H    1 
HETATM 80  H HB11 . AIB A 1 5  ? -5.38016  1.55026  -2.14324 1.000 5.76000  ? 5   AIB A HB11 1 
HETATM 81  H HB12 . AIB A 1 5  ? -4.48174  0.88743  -3.57955 1.000 5.76000  ? 5   AIB A HB12 1 
HETATM 82  H HB13 . AIB A 1 5  ? -4.22239  0.16218  -1.93109 1.000 5.76000  ? 5   AIB A HB13 1 
HETATM 83  H HB21 . AIB A 1 5  ? -2.52535  3.93075  -3.17157 1.000 5.97000  ? 5   AIB A HB21 1 
HETATM 84  H HB22 . AIB A 1 5  ? -3.70715  2.97090  -4.18353 1.000 5.97000  ? 5   AIB A HB22 1 
HETATM 85  H HB23 . AIB A 1 5  ? -4.30698  3.94908  -2.75983 1.000 5.97000  ? 5   AIB A HB23 1 
ATOM   86  N N    . LEU A 1 6  ? -0.83501  2.04001  -2.04731 1.000 4.27946  ? 6   LEU A N    1 
ATOM   87  C CA   . LEU A 1 6  ? 0.51158   1.50996  -2.27506 1.000 4.70846  ? 6   LEU A CA   1 
ATOM   88  C C    . LEU A 1 6  ? 0.90342   0.41013  -1.27814 1.000 4.94533  ? 6   LEU A C    1 
ATOM   89  O O    . LEU A 1 6  ? 1.53971   -0.58019 -1.66145 1.000 5.35327  ? 6   LEU A O    1 
ATOM   90  C CB   . LEU A 1 6  ? 1.53962   2.64366  -2.22017 1.000 5.39012  ? 6   LEU A CB   1 
ATOM   91  C CG   . LEU A 1 6  ? 1.33470   3.78506  -3.22160 1.000 6.34813  ? 6   LEU A CG   1 
ATOM   92  C CD1  . LEU A 1 6  ? 2.41854   4.83810  -3.05517 1.000 6.52973  ? 6   LEU A CD1  1 
ATOM   93  C CD2  . LEU A 1 6  ? 1.30776   3.26845  -4.64909 1.000 7.27982  ? 6   LEU A CD2  1 
ATOM   94  H H    . LEU A 1 6  ? -0.85717  2.73953  -1.54786 1.000 5.14000  ? 6   LEU A H    1 
ATOM   95  H HA   . LEU A 1 6  ? 0.52419   1.10531  -3.15672 1.000 5.66000  ? 6   LEU A HA   1 
ATOM   96  H HB2  . LEU A 1 6  ? 1.51339   3.03226  -1.33083 1.000 6.47000  ? 6   LEU A HB2  1 
ATOM   97  H HB3  . LEU A 1 6  ? 2.41611   2.26546  -2.39068 1.000 6.47000  ? 6   LEU A HB3  1 
ATOM   98  H HG   . LEU A 1 6  ? 0.47468   4.19969  -3.04591 1.000 7.63000  ? 6   LEU A HG   1 
ATOM   99  H HD11 . LEU A 1 6  ? 2.27476   5.54434  -3.70381 1.000 7.84000  ? 6   LEU A HD11 1 
ATOM   100 H HD12 . LEU A 1 6  ? 2.37259   5.19942  -2.15595 1.000 7.84000  ? 6   LEU A HD12 1 
ATOM   101 H HD13 . LEU A 1 6  ? 3.28402   4.42534  -3.20151 1.000 7.84000  ? 6   LEU A HD13 1 
ATOM   102 H HD21 . LEU A 1 6  ? 1.23529   4.02079  -5.25659 1.000 8.74000  ? 6   LEU A HD21 1 
ATOM   103 H HD22 . LEU A 1 6  ? 2.12748   2.77996  -4.82336 1.000 8.74000  ? 6   LEU A HD22 1 
ATOM   104 H HD23 . LEU A 1 6  ? 0.54339   2.68097  -4.75801 1.000 8.74000  ? 6   LEU A HD23 1 
HETATM 105 N N    . AIB A 1 7  ? 0.55166   0.62041  -0.01012 1.000 5.09272  ? 7   AIB A N    1 
HETATM 106 C CA   . AIB A 1 7  ? 0.95493   -0.21995 1.11582  1.000 5.39802  ? 7   AIB A CA   1 
HETATM 107 C C    . AIB A 1 7  ? 0.54213   -1.68816 0.96077  1.000 4.85321  ? 7   AIB A C    1 
HETATM 108 O O    . AIB A 1 7  ? 1.11542   -2.60660 1.55539  1.000 5.02165  ? 7   AIB A O    1 
HETATM 109 C CB1  . AIB A 1 7  ? 2.48624   -0.17308 1.30379  1.000 6.33234  ? 7   AIB A CB1  1 
HETATM 110 C CB2  . AIB A 1 7  ? 0.24405   0.24948  2.39959  1.000 6.30602  ? 7   AIB A CB2  1 
HETATM 111 H H    . AIB A 1 7  ? 0.29582   1.52034  0.34499  1.000 6.12000  ? 7   AIB A H    1 
HETATM 112 H HB11 . AIB A 1 7  ? 2.74786   -0.50963 2.33521  1.000 7.60000  ? 7   AIB A HB11 1 
HETATM 113 H HB12 . AIB A 1 7  ? 2.97793   -0.84559 0.56210  1.000 7.60000  ? 7   AIB A HB12 1 
HETATM 114 H HB13 . AIB A 1 7  ? 2.85237   0.87014  1.15316  1.000 7.60000  ? 7   AIB A HB13 1 
HETATM 115 H HB21 . AIB A 1 7  ? 0.55271   1.29945  2.62478  1.000 7.57000  ? 7   AIB A HB21 1 
HETATM 116 H HB22 . AIB A 1 7  ? -0.86085  0.20379  2.24281  1.000 7.57000  ? 7   AIB A HB22 1 
HETATM 117 H HB23 . AIB A 1 7  ? 0.53517   -0.42142 3.24394  1.000 7.57000  ? 7   AIB A HB23 1 
ATOM   118 N N    . GLN A 1 8  ? -0.51175  -1.90885 0.16982  1.000 4.59529  ? 8   GLN A N    1 
ATOM   119 C CA   . GLN A 1 8  ? -0.99309  -3.25734 -0.06722 1.000 4.04785  ? 8   GLN A CA   1 
ATOM   120 C C    . GLN A 1 8  ? 0.09460   -4.19420 -0.60044 1.000 3.77150  ? 8   GLN A C    1 
ATOM   121 O O    . GLN A 1 8  ? -0.02265  -5.40068 -0.40687 1.000 3.80835  ? 8   GLN A O    1 
ATOM   122 C CB   . GLN A 1 8  ? -2.21834  -3.23186 -0.99826 1.000 3.98469  ? 8   GLN A CB   1 
ATOM   123 C CG   . GLN A 1 8  ? -1.90819  -2.76383 -2.41238 1.000 4.15839  ? 8   GLN A CG   1 
ATOM   124 C CD   . GLN A 1 8  ? -3.13280  -2.81583 -3.30961 1.000 4.06101  ? 8   GLN A CD   1 
ATOM   125 O OE1  . GLN A 1 8  ? -3.85120  -3.82799 -3.32618 1.000 4.46896  ? 8   GLN A OE1  1 
ATOM   126 N NE2  . GLN A 1 8  ? -3.33938  -1.78425 -4.11258 1.000 4.72688  ? 8   GLN A NE2  1 
ATOM   127 H H    . GLN A 1 8  ? -0.95628  -1.29403 -0.23492 1.000 5.52000  ? 8   GLN A H    1 
ATOM   128 H HA   . GLN A 1 8  ? -1.27075  -3.63395 0.78126  1.000 4.86000  ? 8   GLN A HA   1 
ATOM   129 H HB2  . GLN A 1 8  ? -2.58384  -4.12853 -1.05696 1.000 4.79000  ? 8   GLN A HB2  1 
ATOM   130 H HB3  . GLN A 1 8  ? -2.88059  -2.62804 -0.62559 1.000 4.79000  ? 8   GLN A HB3  1 
ATOM   131 H HG2  . GLN A 1 8  ? -1.59289  -1.84715 -2.38344 1.000 5.00000  ? 8   GLN A HG2  1 
ATOM   132 H HG3  . GLN A 1 8  ? -1.22647  -3.33764 -2.79611 1.000 5.00000  ? 8   GLN A HG3  1 
ATOM   133 H HE21 . GLN A 1 8  ? -2.79164  -1.12195 -4.11152 1.000 5.68000  ? 8   GLN A HE21 1 
ATOM   134 H HE22 . GLN A 1 8  ? -4.02195  -1.77698 -4.63590 1.000 5.68000  ? 8   GLN A HE22 1 
HETATM 135 N N    . AIB A 1 9  ? 1.14110   -3.65049 -1.23886 1.000 3.81625  ? 9   AIB A N    1 
HETATM 136 C CA   . AIB A 1 9  ? 2.27173   -4.43767 -1.71169 1.000 4.03469  ? 9   AIB A CA   1 
HETATM 137 C C    . AIB A 1 9  ? 2.92875   -5.26146 -0.57360 1.000 4.17418  ? 9   AIB A C    1 
HETATM 138 O O    . AIB A 1 9  ? 3.44438   -6.36187 -0.77869 1.000 5.39275  ? 9   AIB A O    1 
HETATM 139 C CB1  . AIB A 1 9  ? 1.88332   -5.38223 -2.85530 1.000 4.43474  ? 9   AIB A CB1  1 
HETATM 140 C CB2  . AIB A 1 9  ? 3.34259   -3.44136 -2.19417 1.000 4.81900  ? 9   AIB A CB2  1 
HETATM 141 H H    . AIB A 1 9  ? 1.41448   -2.69215 -1.14593 1.000 4.58000  ? 9   AIB A H    1 
HETATM 142 H HB11 . AIB A 1 9  ? 2.78978   -5.91746 -3.22674 1.000 5.33000  ? 9   AIB A HB11 1 
HETATM 143 H HB12 . AIB A 1 9  ? 1.13916   -6.12958 -2.48949 1.000 5.33000  ? 9   AIB A HB12 1 
HETATM 144 H HB13 . AIB A 1 9  ? 1.43392   -4.79518 -3.69151 1.000 5.33000  ? 9   AIB A HB13 1 
HETATM 145 H HB21 . AIB A 1 9  ? 4.20723   -4.01019 -2.61310 1.000 5.79000  ? 9   AIB A HB21 1 
HETATM 146 H HB22 . AIB A 1 9  ? 2.90091   -2.78421 -2.98195 1.000 5.79000  ? 9   AIB A HB22 1 
HETATM 147 H HB23 . AIB A 1 9  ? 3.67997   -2.82152 -1.32832 1.000 5.79000  ? 9   AIB A HB23 1 
ATOM   148 N N    A LEU A 1 10 ? 2.89941   -4.68410 0.63256  0.620 4.35315  ? 10  LEU A N    1 
ATOM   149 N N    B LEU A 1 10 ? 2.95802   -4.66603 0.62076  0.380 4.27946  ? 10  LEU A N    1 
ATOM   150 C CA   A LEU A 1 10 ? 3.52823   -5.26906 1.82703  0.620 4.53212  ? 10  LEU A CA   1 
ATOM   151 C CA   B LEU A 1 10 ? 3.62137   -5.25752 1.78834  0.380 4.53739  ? 10  LEU A CA   1 
ATOM   152 C C    A LEU A 1 10 ? 2.53640   -6.05991 2.67654  0.620 4.48212  ? 10  LEU A C    1 
ATOM   153 C C    B LEU A 1 10 ? 2.60465   -5.89418 2.72613  0.380 4.53739  ? 10  LEU A C    1 
ATOM   154 O O    A LEU A 1 10 ? 2.89071   -6.85019 3.55594  0.620 4.30315  ? 10  LEU A O    1 
ATOM   155 O O    B LEU A 1 10 ? 2.82316   -6.96049 3.29946  0.380 4.22156  ? 10  LEU A O    1 
ATOM   156 C CB   A LEU A 1 10 ? 4.19532   -4.17110 2.66889  0.620 5.46381  ? 10  LEU A CB   1 
ATOM   157 C CB   B LEU A 1 10 ? 4.42280   -4.18989 2.54824  0.380 5.17430  ? 10  LEU A CB   1 
ATOM   158 C CG   A LEU A 1 10 ? 5.19112   -3.32085 1.86820  0.620 6.76134  ? 10  LEU A CG   1 
ATOM   159 C CG   B LEU A 1 10 ? 5.82988   -3.88600 2.01996  0.380 6.09810  ? 10  LEU A CG   1 
ATOM   160 C CD1  A LEU A 1 10 ? 5.81990   -2.21991 2.71098  0.620 7.13507  ? 10  LEU A CD1  1 
ATOM   161 C CD1  B LEU A 1 10 ? 5.77272   -3.21916 0.65376  0.380 6.62185  ? 10  LEU A CD1  1 
ATOM   162 C CD2  A LEU A 1 10 ? 6.25051   -4.20984 1.24330  0.620 8.14835  ? 10  LEU A CD2  1 
ATOM   163 C CD2  B LEU A 1 10 ? 6.57968   -3.00556 2.98780  0.380 6.30865  ? 10  LEU A CD2  1 
ATOM   164 H H    A LEU A 1 10 ? 2.51181   -3.93315 0.79154  0.620 5.23000  ? 10  LEU A H    1 
ATOM   165 H H    B LEU A 1 10 ? 2.59391   -3.90378 0.78526  0.380 5.14000  ? 10  LEU A H    1 
ATOM   166 H HA   A LEU A 1 10 ? 4.21113   -5.89397 1.53705  0.620 5.44000  ? 10  LEU A HA   1 
ATOM   167 H HA   B LEU A 1 10 ? 4.23503   -5.94540 1.48516  0.380 5.45000  ? 10  LEU A HA   1 
ATOM   168 H HB2  A LEU A 1 10 ? 3.50791   -3.58016 3.01504  0.620 6.56000  ? 10  LEU A HB2  1 
ATOM   169 H HB2  B LEU A 1 10 ? 3.92122   -3.36071 2.51903  0.380 6.21000  ? 10  LEU A HB2  1 
ATOM   170 H HB3  A LEU A 1 10 ? 4.67630   -4.58594 3.40188  0.620 6.56000  ? 10  LEU A HB3  1 
ATOM   171 H HB3  B LEU A 1 10 ? 4.52171   -4.48661 3.46709  0.380 6.21000  ? 10  LEU A HB3  1 
ATOM   172 H HG   A LEU A 1 10 ? 4.70709   -2.87258 1.15746  0.620 8.12000  ? 10  LEU A HG   1 
ATOM   173 H HG   B LEU A 1 10 ? 6.30764   -4.72503 1.92514  0.380 7.32000  ? 10  LEU A HG   1 
ATOM   174 H HD11 A LEU A 1 10 ? 5.12258   -1.76727 3.21000  0.620 8.57000  ? 10  LEU A HD11 1 
ATOM   175 H HD11 B LEU A 1 10 ? 5.30006   -3.80088 0.03775  0.380 7.95000  ? 10  LEU A HD11 1 
ATOM   176 H HD12 A LEU A 1 10 ? 6.46017   -2.61630 3.32170  0.620 8.57000  ? 10  LEU A HD12 1 
ATOM   177 H HD12 B LEU A 1 10 ? 5.30557   -2.37297 0.73443  0.380 7.95000  ? 10  LEU A HD12 1 
ATOM   178 H HD13 A LEU A 1 10 ? 6.26873   -1.59060 2.12463  0.620 8.57000  ? 10  LEU A HD13 1 
ATOM   179 H HD13 B LEU A 1 10 ? 6.67730   -3.06879 0.33700  0.380 7.95000  ? 10  LEU A HD13 1 
ATOM   180 H HD21 A LEU A 1 10 ? 7.09226   -3.72839 1.21769  0.620 9.78000  ? 10  LEU A HD21 1 
ATOM   181 H HD21 B LEU A 1 10 ? 7.33867   -2.60890 2.53126  0.380 7.58000  ? 10  LEU A HD21 1 
ATOM   182 H HD22 A LEU A 1 10 ? 6.34465   -5.01355 1.77931  0.620 9.78000  ? 10  LEU A HD22 1 
ATOM   183 H HD22 B LEU A 1 10 ? 5.98408   -2.30923 3.30696  0.380 7.58000  ? 10  LEU A HD22 1 
ATOM   184 H HD23 A LEU A 1 10 ? 5.97586   -4.44298 0.34271  0.620 9.78000  ? 10  LEU A HD23 1 
ATOM   185 H HD23 B LEU A 1 10 ? 6.88693   -3.54455 3.73229  0.380 7.58000  ? 10  LEU A HD23 1 
HETATM 186 C C11  . I77 A 1 11 ? -1.68769  -5.16875 6.37747  1.000 5.75069  ? 11  I77 A C11  1 
HETATM 187 C C12  . I77 A 1 11 ? -1.23858  -5.92265 5.31669  1.000 5.28484  ? 11  I77 A C12  1 
HETATM 188 C C13  . I77 A 1 11 ? 0.04969   -5.45783 4.67092  1.000 6.09547  ? 11  I77 A C13  1 
HETATM 189 C C17  . I77 A 1 11 ? -2.02252  -6.99209 4.85445  1.000 5.04271  ? 11  I77 A C17  1 
HETATM 190 C C18  . I77 A 1 11 ? -3.19340  -7.29268 5.54010  1.000 4.40053  ? 11  I77 A C18  1 
HETATM 191 C C02  . I77 A 1 11 ? -8.25929  -7.70122 9.66054  1.000 4.18734  ? 11  I77 A C02  1 
HETATM 192 C C03  . I77 A 1 11 ? -7.01381  -7.40217 8.84321  1.000 4.07417  ? 11  I77 A C03  1 
HETATM 193 C C04  . I77 A 1 11 ? -6.42575  -6.16466 9.00930  1.000 5.06640  ? 11  I77 A C04  1 
HETATM 194 C C05  . I77 A 1 11 ? -5.29094  -5.85467 8.28428  1.000 5.11114  ? 11  I77 A C05  1 
HETATM 195 C C06  . I77 A 1 11 ? -6.46001  -8.27645 7.92141  1.000 4.20840  ? 11  I77 A C06  1 
HETATM 196 C C08  . I77 A 1 11 ? -4.79658  -6.78099 7.38687  1.000 4.03996  ? 11  I77 A C08  1 
HETATM 197 C C09  . I77 A 1 11 ? -3.55494  -6.47664 6.60608  1.000 4.12681  ? 11  I77 A C09  1 
HETATM 198 N N01  . I77 A 1 11 ? -8.84898  -8.96245 9.49890  1.000 4.62161  ? 11  I77 A N01  1 
HETATM 199 N N07  . I77 A 1 11 ? -5.37331  -7.95551 7.22184  1.000 4.30841  ? 11  I77 A N07  1 
HETATM 200 N N10  . I77 A 1 11 ? -2.80525  -5.45422 7.00685  1.000 5.18746  ? 11  I77 A N10  1 
HETATM 201 N N14  . I77 A 1 11 ? 0.19683   -5.93829 3.34244  1.000 5.99282  ? 11  I77 A N14  1 
HETATM 202 N N15  . I77 A 1 11 ? 1.25901   -5.45237 2.60120  1.000 5.60330  ? 11  I77 A N15  1 
HETATM 203 O O16  . I77 A 1 11 ? 0.85805   -4.75757 5.21988  1.000 7.26403  ? 11  I77 A O16  1 
HETATM 204 O O19  . I77 A 1 11 ? -8.71851  -6.89668 10.42053 1.000 4.89796  ? 11  I77 A O19  1 
HETATM 205 H H111 . I77 A 1 11 ? -1.10572  -4.31975 6.70011  1.000 6.90000  ? 11  I77 A H111 1 
HETATM 206 H H171 . I77 A 1 11 ? -1.72087  -7.57063 3.98166  1.000 6.06000  ? 11  I77 A H171 1 
HETATM 207 H H181 . I77 A 1 11 ? -3.80922  -8.14174 5.25170  1.000 5.29000  ? 11  I77 A H181 1 
HETATM 208 H H041 . I77 A 1 11 ? -6.84599  -5.45139 9.69400  1.000 6.08000  ? 11  I77 A H041 1 
HETATM 209 H H051 . I77 A 1 11 ? -4.79666  -4.90028 8.41739  1.000 6.14000  ? 11  I77 A H051 1 
HETATM 210 H H061 . I77 A 1 11 ? -6.92142  -9.24156 7.76639  1.000 5.06000  ? 11  I77 A H061 1 
HETATM 211 H H011 . I77 A 1 11 ? -8.45084  -9.61792 8.86360  1.000 5.55000  ? 11  I77 A H011 1 
HETATM 212 H H012 . I77 A 1 11 ? -9.67501  -9.20512 10.02036 1.000 5.55000  ? 11  I77 A H012 1 
HETATM 213 H H141 . I77 A 1 11 ? -0.44668  -6.60744 2.95410  1.000 7.20000  ? 11  I77 A H141 1 
HETATM 214 C C01  . I7E B 2 .  ? -0.02469  -2.80975 11.82106 1.000 5.57962  ? 201 I7E A C01  1 
HETATM 215 C C02  . I7E B 2 .  ? -0.67679  -3.12240 10.47357 1.000 5.25589  ? 201 I7E A C02  1 
HETATM 216 C C03  . I7E B 2 .  ? -1.50698  -4.40656 10.62898 1.000 6.03757  ? 201 I7E A C03  1 
HETATM 217 C C04  . I7E B 2 .  ? 0.41726   -3.34904 9.42040  1.000 5.75069  ? 201 I7E A C04  1 
HETATM 218 C C05  . I7E B 2 .  ? -1.57718  -1.96993 9.99108  1.000 4.66898  ? 201 I7E A C05  1 
HETATM 219 C C06  . I7E B 2 .  ? -1.47287  -0.69731 10.53209 1.000 4.94533  ? 201 I7E A C06  1 
HETATM 220 C C07  . I7E B 2 .  ? -2.26699  0.34971  10.08145 1.000 5.46381  ? 201 I7E A C07  1 
HETATM 221 C C08  . I7E B 2 .  ? -3.17542  0.13216  9.05402  1.000 5.47960  ? 201 I7E A C08  1 
HETATM 222 C C09  . I7E B 2 .  ? -3.28796  -1.12534 8.49824  1.000 5.45592  ? 201 I7E A C09  1 
HETATM 223 C C10  . I7E B 2 .  ? -2.49478  -2.16559 8.95626  1.000 5.13746  ? 201 I7E A C10  1 
HETATM 224 H H013 . I7E B 2 .  ? -0.78390  -2.48076 12.52109 1.000 6.70000  ? 201 I7E A H013 1 
HETATM 225 H H012 . I7E B 2 .  ? 0.71221   -2.02629 11.69305 1.000 6.70000  ? 201 I7E A H012 1 
HETATM 226 H H011 . I7E B 2 .  ? 0.45678   -3.70031 12.20367 1.000 6.70000  ? 201 I7E A H011 1 
HETATM 227 H H031 . I7E B 2 .  ? -2.40820  -4.18739 11.18909 1.000 7.25000  ? 201 I7E A H031 1 
HETATM 228 H H033 . I7E B 2 .  ? -0.92504  -5.15011 11.15797 1.000 7.25000  ? 201 I7E A H033 1 
HETATM 229 H H032 . I7E B 2 .  ? -1.77327  -4.78506 9.64943  1.000 7.25000  ? 201 I7E A H032 1 
HETATM 230 H H041 . I7E B 2 .  ? 1.08108   -4.13798 9.75294  1.000 6.91000  ? 201 I7E A H041 1 
HETATM 231 H H043 . I7E B 2 .  ? 0.98258   -2.43537 9.28417  1.000 6.91000  ? 201 I7E A H043 1 
HETATM 232 H H042 . I7E B 2 .  ? -0.03942  -3.63491 8.48079  1.000 6.91000  ? 201 I7E A H042 1 
HETATM 233 H H061 . I7E B 2 .  ? -0.75640  -0.51543 11.32385 1.000 5.94000  ? 201 I7E A H061 1 
HETATM 234 H H071 . I7E B 2 .  ? -2.17898  1.33203  10.53003 1.000 6.56000  ? 201 I7E A H071 1 
HETATM 235 H H081 . I7E B 2 .  ? -3.79211  0.94523  8.69142  1.000 6.58000  ? 201 I7E A H081 1 
HETATM 236 H H091 . I7E B 2 .  ? -4.00021  -1.30070 7.70051  1.000 6.56000  ? 201 I7E A H091 1 
HETATM 237 H H101 . I7E B 2 .  ? -2.58743  -3.14638 8.50541  1.000 6.17000  ? 201 I7E A H101 1 
HETATM 238 C C01  . I7E C 2 .  ? -5.23098  -3.06011 14.19469 1.000 8.44838  ? 202 I7E A C01  1 
HETATM 239 C C02  . I7E C 2 .  ? -4.74563  -1.65484 14.51658 1.000 7.27982  ? 202 I7E A C02  1 
HETATM 240 C C03  . I7E C 2 .  ? -3.22842  -1.64047 14.35648 1.000 7.05348  ? 202 I7E A C03  1 
HETATM 241 C C04  . I7E C 2 .  ? -5.04872  -1.37606 15.98615 1.000 9.26164  ? 202 I7E A C04  1 
HETATM 242 C C05  . I7E C 2 .  ? -5.45939  -0.62507 13.61520 1.000 5.49540  ? 202 I7E A C05  1 
HETATM 243 C C06  . I7E C 2 .  ? -6.83824  -0.46370 13.71065 1.000 5.75859  ? 202 I7E A C06  1 
HETATM 244 C C07  . I7E C 2 .  ? -7.50007  0.46338  12.91950 1.000 5.83491  ? 202 I7E A C07  1 
HETATM 245 C C08  . I7E C 2 .  ? -6.80120  1.23435  12.00571 1.000 5.69542  ? 202 I7E A C08  1 
HETATM 246 C C09  . I7E C 2 .  ? -5.42808  1.07129  11.88560 1.000 5.81385  ? 202 I7E A C09  1 
HETATM 247 C C10  . I7E C 2 .  ? -4.77060  0.14883  12.68741 1.000 5.57435  ? 202 I7E A C10  1 
HETATM 248 H H013 . I7E C 2 .  ? -4.85805  -3.75062 14.94164 1.000 10.14000 ? 202 I7E A H013 1 
HETATM 249 H H012 . I7E C 2 .  ? -4.86667  -3.35246 13.21835 1.000 10.14000 ? 202 I7E A H012 1 
HETATM 250 H H011 . I7E C 2 .  ? -6.31379  -3.07699 14.19679 1.000 10.14000 ? 202 I7E A H011 1 
HETATM 251 H H031 . I7E C 2 .  ? -2.96933  -1.93729 13.34833 1.000 8.47000  ? 202 I7E A H031 1 
HETATM 252 H H033 . I7E C 2 .  ? -2.78466  -2.33113 15.06231 1.000 8.47000  ? 202 I7E A H033 1 
HETATM 253 H H032 . I7E C 2 .  ? -2.85537  -0.64168 14.54597 1.000 8.47000  ? 202 I7E A H032 1 
HETATM 254 H H041 . I7E C 2 .  ? -6.09759  -1.56102 16.17983 1.000 11.12000 ? 202 I7E A H041 1 
HETATM 255 H H043 . I7E C 2 .  ? -4.81713  -0.34294 16.21275 1.000 11.12000 ? 202 I7E A H043 1 
HETATM 256 H H042 . I7E C 2 .  ? -4.44654  -2.02659 16.60815 1.000 11.12000 ? 202 I7E A H042 1 
HETATM 257 H H061 . I7E C 2 .  ? -7.40137  -1.06781 14.41033 1.000 6.92000  ? 202 I7E A H061 1 
HETATM 258 H H071 . I7E C 2 .  ? -8.57094  0.58659  13.01720 1.000 7.01000  ? 202 I7E A H071 1 
HETATM 259 H H081 . I7E C 2 .  ? -7.32088  1.95695  11.39012 1.000 6.84000  ? 202 I7E A H081 1 
HETATM 260 H H091 . I7E C 2 .  ? -4.87138  1.66274  11.16890 1.000 6.98000  ? 202 I7E A H091 1 
HETATM 261 H H101 . I7E C 2 .  ? -3.69907  0.02944  12.58832 1.000 6.70000  ? 202 I7E A H101 1 
HETATM 262 C C01  A I7E D 2 .  ? 0.90599   -0.16747 7.34154  0.410 6.60606  ? 203 I7E A C01  1 
HETATM 263 C C01  B I7E D 2 .  ? 2.66625   3.54724  6.53033  0.590 7.31667  ? 203 I7E A C01  1 
HETATM 264 C C02  A I7E D 2 .  ? 0.51960   1.15491  6.68226  0.410 6.56921  ? 203 I7E A C02  1 
HETATM 265 C C02  B I7E D 2 .  ? 2.47290   2.68444  5.28584  0.590 6.56921  ? 203 I7E A C02  1 
HETATM 266 C C03  A I7E D 2 .  ? 0.13684   2.11508  7.81340  0.410 6.31391  ? 203 I7E A C03  1 
HETATM 267 C C03  B I7E D 2 .  ? 3.80910   2.49984  4.56570  0.590 7.67724  ? 203 I7E A C03  1 
HETATM 268 C C04  A I7E D 2 .  ? -0.63762  0.85632  5.72584  0.410 6.59026  ? 203 I7E A C04  1 
HETATM 269 C C04  B I7E D 2 .  ? 1.54269   3.43764  4.33676  0.590 6.38498  ? 203 I7E A C04  1 
HETATM 270 C C05  A I7E D 2 .  ? 1.67034   1.76479  5.86500  0.410 6.61395  ? 203 I7E A C05  1 
HETATM 271 C C05  B I7E D 2 .  ? 1.82016   1.33196  5.65501  0.590 6.55079  ? 203 I7E A C05  1 
HETATM 272 C C06  A I7E D 2 .  ? 2.61738   0.95573  5.25311  0.410 6.56131  ? 203 I7E A C06  1 
HETATM 273 C C06  B I7E D 2 .  ? 0.70501   1.27476  6.48951  0.590 7.54301  ? 203 I7E A C06  1 
HETATM 274 C C07  A I7E D 2 .  ? 3.64437   1.52437  4.51290  0.410 6.83240  ? 203 I7E A C07  1 
HETATM 275 C C07  B I7E D 2 .  ? 0.12039   0.04543  6.80752  0.590 7.94306  ? 203 I7E A C07  1 
HETATM 276 C C08  A I7E D 2 .  ? 3.71816   2.89836  4.37216  0.410 7.35351  ? 203 I7E A C08  1 
HETATM 277 C C08  B I7E D 2 .  ? 0.61966   -1.13130 6.27728  0.590 7.60091  ? 203 I7E A C08  1 
HETATM 278 C C09  A I7E D 2 .  ? 2.77110   3.70580  4.97021  0.410 7.71671  ? 203 I7E A C09  1 
HETATM 279 C C09  B I7E D 2 .  ? 1.71423   -1.08491 5.43786  0.590 6.82713  ? 203 I7E A C09  1 
HETATM 280 C C10  A I7E D 2 .  ? 1.74732   3.14495  5.71182  0.410 7.46405  ? 203 I7E A C10  1 
HETATM 281 C C10  B I7E D 2 .  ? 2.30923   0.13547  5.13752  0.590 6.41656  ? 203 I7E A C10  1 
HETATM 282 H H013 A I7E D 2 .  ? 0.93602   -0.94837 6.59219  0.410 7.93000  ? 203 I7E A H013 1 
HETATM 283 H H013 B I7E D 2 .  ? 3.61863   4.05911  6.47088  0.590 8.78000  ? 203 I7E A H013 1 
HETATM 284 H H012 A I7E D 2 .  ? 0.17427   -0.42002 8.09841  0.410 7.93000  ? 203 I7E A H012 1 
HETATM 285 H H012 B I7E D 2 .  ? 2.64950   2.91900  7.41224  0.590 8.78000  ? 203 I7E A H012 1 
HETATM 286 H H011 A I7E D 2 .  ? 1.88194   -0.06995 7.80040  0.410 7.93000  ? 203 I7E A H011 1 
HETATM 287 H H011 B I7E D 2 .  ? 1.86729   4.27605  6.59167  0.590 8.78000  ? 203 I7E A H011 1 
HETATM 288 H H031 A I7E D 2 .  ? 1.01168   2.33123  8.41445  0.410 7.59000  ? 203 I7E A H031 1 
HETATM 289 H H031 B I7E D 2 .  ? 3.65179   1.94202  3.65051  0.590 9.22000  ? 203 I7E A H031 1 
HETATM 290 H H033 A I7E D 2 .  ? -0.62423  1.65795  8.43353  0.410 7.59000  ? 203 I7E A H033 1 
HETATM 291 H H033 B I7E D 2 .  ? 4.49309   1.95663  5.20661  0.590 9.22000  ? 203 I7E A H033 1 
HETATM 292 H H032 A I7E D 2 .  ? -0.24728  3.03573  7.39122  0.410 7.59000  ? 203 I7E A H032 1 
HETATM 293 H H032 B I7E D 2 .  ? 4.22829   3.46985  4.32992  0.590 9.22000  ? 203 I7E A H032 1 
HETATM 294 H H041 A I7E D 2 .  ? -0.35812  0.04813  5.06233  0.410 7.91000  ? 203 I7E A H041 1 
HETATM 295 H H041 B I7E D 2 .  ? 1.87151   4.46602  4.25001  0.590 7.67000  ? 203 I7E A H041 1 
HETATM 296 H H043 A I7E D 2 .  ? -0.86123  1.74196  5.14270  0.410 7.91000  ? 203 I7E A H043 1 
HETATM 297 H H043 B I7E D 2 .  ? 0.53211   3.41375  4.72649  0.590 7.67000  ? 203 I7E A H043 1 
HETATM 298 H H042 A I7E D 2 .  ? -1.51218  0.56925  6.29644  0.410 7.91000  ? 203 I7E A H042 1 
HETATM 299 H H042 B I7E D 2 .  ? 1.56514   2.96870  3.36114  0.590 7.67000  ? 203 I7E A H042 1 
HETATM 300 H H061 A I7E D 2 .  ? 2.55414   -0.12092 5.35398  0.410 7.88000  ? 203 I7E A H061 1 
HETATM 301 H H061 B I7E D 2 .  ? 0.28875   2.18814  6.89440  0.590 9.06000  ? 203 I7E A H061 1 
HETATM 302 H H071 A I7E D 2 .  ? 4.38907   0.89143  4.04431  0.410 8.21000  ? 203 I7E A H071 1 
HETATM 303 H H071 B I7E D 2 .  ? -0.73120  0.01367  7.47594  0.590 9.54000  ? 203 I7E A H071 1 
HETATM 304 H H081 A I7E D 2 .  ? 4.51933   3.34036  3.79337  0.410 8.83000  ? 203 I7E A H081 1 
HETATM 305 H H081 B I7E D 2 .  ? 0.15527   -2.07978 6.51861  0.590 9.13000  ? 203 I7E A H081 1 
HETATM 306 H H091 A I7E D 2 .  ? 2.82991   4.78125  4.85822  0.410 9.27000  ? 203 I7E A H091 1 
HETATM 307 H H091 B I7E D 2 .  ? 2.10933   -2.00029 5.01313  0.590 8.20000  ? 203 I7E A H091 1 
HETATM 308 H H101 A I7E D 2 .  ? 1.00444   3.78262  6.17414  0.410 8.96000  ? 203 I7E A H101 1 
HETATM 309 H H101 B I7E D 2 .  ? 3.17517   0.15584  4.48625  0.590 7.71000  ? 203 I7E A H101 1 
HETATM 310 O O    . HOH E 3 .  ? -1.69673  -6.69486 1.44784  1.000 5.83754  ? 301 HOH A O    1 
# 
loop_
_atom_site_anisotrop.id 
_atom_site_anisotrop.type_symbol 
_atom_site_anisotrop.pdbx_label_atom_id 
_atom_site_anisotrop.pdbx_label_alt_id 
_atom_site_anisotrop.pdbx_label_comp_id 
_atom_site_anisotrop.pdbx_label_asym_id 
_atom_site_anisotrop.pdbx_label_seq_id 
_atom_site_anisotrop.pdbx_PDB_ins_code 
_atom_site_anisotrop.U[1][1] 
_atom_site_anisotrop.U[2][2] 
_atom_site_anisotrop.U[3][3] 
_atom_site_anisotrop.U[1][2] 
_atom_site_anisotrop.U[1][3] 
_atom_site_anisotrop.U[2][3] 
_atom_site_anisotrop.pdbx_auth_seq_id 
_atom_site_anisotrop.pdbx_auth_comp_id 
_atom_site_anisotrop.pdbx_auth_asym_id 
_atom_site_anisotrop.pdbx_auth_atom_id 
1   C C05 . I6W A 1  ? 0.05944 0.05124 0.05612 -0.01232 -0.00728 0.00358  1   I6W A C05 
2   C C08 . I6W A 1  ? 0.05608 0.05246 0.06046 -0.00252 -0.01487 0.00933  1   I6W A C08 
3   C C09 . I6W A 1  ? 0.05983 0.05622 0.05945 -0.00302 -0.01659 0.00650  1   I6W A C09 
4   N N10 . I6W A 1  ? 0.07628 0.07587 0.07075 -0.00932 -0.00871 0.00563  1   I6W A N10 
5   C C02 . I6W A 1  ? 0.06810 0.05827 0.05193 -0.01502 -0.00353 0.01024  1   I6W A C02 
6   C C03 . I6W A 1  ? 0.06089 0.05450 0.05502 -0.01003 -0.00986 0.01243  1   I6W A C03 
7   C C04 . I6W A 1  ? 0.06244 0.06404 0.06303 -0.01378 -0.00621 0.00502  1   I6W A C04 
8   C C06 . I6W A 1  ? 0.06131 0.05637 0.06943 -0.00291 -0.00522 0.01459  1   I6W A C06 
9   C C11 . I6W A 1  ? 0.06969 0.06157 0.06664 -0.00344 -0.01184 0.00358  1   I6W A C11 
10  C C12 . I6W A 1  ? 0.06362 0.05766 0.06512 0.00946  -0.01711 0.00413  1   I6W A C12 
11  C C13 . I6W A 1  ? 0.07224 0.07161 0.08186 0.01536  -0.00486 -0.00374 1   I6W A C13 
12  C C15 . I6W A 1  ? 0.13878 0.14083 0.18869 0.00190  0.05770  -0.04693 1   I6W A C15 
13  C C16 . I6W A 1  ? 0.15476 0.17485 0.20770 0.00568  0.06457  -0.03928 1   I6W A C16 
14  C C18 . I6W A 1  ? 0.06015 0.06000 0.07525 0.00688  -0.01395 0.00237  1   I6W A C18 
15  C C19 . I6W A 1  ? 0.06052 0.04539 0.06139 0.00283  -0.01555 0.00449  1   I6W A C19 
16  N N07 . I6W A 1  ? 0.06152 0.06452 0.08246 -0.00346 -0.00823 0.01421  1   I6W A N07 
17  O O01 . I6W A 1  ? 0.06908 0.05347 0.05534 -0.01034 -0.00176 0.00620  1   I6W A O01 
18  O O14 . I6W A 1  ? 0.10442 0.10442 0.15246 0.00250  0.03340  -0.04182 1   I6W A O14 
19  O O17 . I6W A 1  ? 0.07479 0.07519 0.06912 0.00717  -0.00317 0.00517  1   I6W A O17 
31  N N   . LEU A 2  ? 0.08435 0.06094 0.05841 -0.02160 0.01059  -0.00125 2   LEU A N   
32  C CA  . LEU A 2  ? 0.09609 0.06382 0.06579 -0.02400 0.02566  -0.01076 2   LEU A CA  
33  C C   . LEU A 2  ? 0.08336 0.06023 0.06860 -0.02512 0.02206  -0.01957 2   LEU A C   
34  O O   . LEU A 2  ? 0.09130 0.06214 0.07496 -0.02294 0.02756  -0.02188 2   LEU A O   
35  C CB  . LEU A 2  ? 0.12122 0.06829 0.07819 -0.03141 0.04630  -0.01405 2   LEU A CB  
36  C CG  . LEU A 2  ? 0.13308 0.07704 0.08798 -0.03162 0.05622  -0.00834 2   LEU A CG  
37  C CD1 . LEU A 2  ? 0.12796 0.08218 0.08017 -0.01194 0.05181  -0.00243 2   LEU A CD1 
38  C CD2 . LEU A 2  ? 0.14582 0.09018 0.11729 -0.03474 0.06845  -0.00634 2   LEU A CD2 
50  N N   . AIB A 3  ? 0.06834 0.06454 0.06892 -0.01470 0.01204  -0.02236 3   AIB A N   
51  C CA  . AIB A 3  ? 0.06386 0.07177 0.08706 -0.00855 0.00921  -0.03074 3   AIB A CA  
52  C C   . AIB A 3  ? 0.05409 0.07252 0.07209 -0.00178 0.00128  -0.03166 3   AIB A C   
53  O O   . AIB A 3  ? 0.04929 0.07801 0.08080 0.00401  -0.00386 -0.03203 3   AIB A O   
54  C CB1 . AIB A 3  ? 0.06144 0.08246 0.11110 -0.01497 0.01589  -0.03663 3   AIB A CB1 
55  C CB2 . AIB A 3  ? 0.06006 0.07645 0.08729 0.00225  -0.00002 -0.03691 3   AIB A CB2 
63  N N   . ALA A 4  ? 0.05129 0.06207 0.05994 0.00202  0.00291  -0.01988 4   ALA A N   
64  C CA  . ALA A 4  ? 0.05586 0.05780 0.05643 -0.00031 0.00519  -0.00350 4   ALA A CA  
65  C C   . ALA A 4  ? 0.05396 0.04984 0.05170 -0.00594 0.00221  -0.00208 4   ALA A C   
66  O O   . ALA A 4  ? 0.05639 0.05007 0.05865 -0.00250 0.00224  -0.00125 4   ALA A O   
67  C CB  . ALA A 4  ? 0.05992 0.05854 0.06554 0.00738  0.01204  -0.00540 4   ALA A CB  
73  N N   . AIB A 5  ? 0.05556 0.04590 0.05174 -0.00515 0.00244  -0.00323 5   AIB A N   
74  C CA  . AIB A 5  ? 0.06184 0.04878 0.05419 -0.00713 -0.00178 -0.00598 5   AIB A CA  
75  C C   . AIB A 5  ? 0.06446 0.05047 0.05437 -0.00679 0.00352  -0.00870 5   AIB A C   
76  O O   . AIB A 5  ? 0.07226 0.05266 0.06859 -0.00686 0.00446  -0.01880 5   AIB A O   
77  C CB1 . AIB A 5  ? 0.05959 0.05855 0.06386 -0.01385 -0.00480 -0.00689 5   AIB A CB1 
78  C CB2 . AIB A 5  ? 0.07677 0.05695 0.05498 0.00244  -0.00127 -0.00045 5   AIB A CB2 
86  N N   . LEU A 6  ? 0.05927 0.05009 0.05323 -0.00610 0.00651  -0.01220 6   LEU A N   
87  C CA  . LEU A 6  ? 0.05808 0.05697 0.06385 -0.00001 0.00714  -0.01401 6   LEU A CA  
88  C C   . LEU A 6  ? 0.05846 0.05887 0.07057 0.00205  -0.00345 -0.01904 6   LEU A C   
89  O O   . LEU A 6  ? 0.05723 0.06697 0.07920 0.00547  -0.00291 -0.02149 6   LEU A O   
90  C CB  . LEU A 6  ? 0.06086 0.06552 0.07842 -0.00923 0.00985  -0.01124 6   LEU A CB  
91  C CG  . LEU A 6  ? 0.06873 0.07712 0.09535 -0.01106 0.01829  0.00064  6   LEU A CG  
92  C CD1 . LEU A 6  ? 0.06828 0.07830 0.10152 -0.01267 0.02260  0.00558  6   LEU A CD1 
93  C CD2 . LEU A 6  ? 0.08989 0.09151 0.09521 -0.01804 0.01606  0.00668  6   LEU A CD2 
105 N N   . AIB A 7  ? 0.07198 0.05650 0.06502 0.00645  -0.00866 -0.01672 7   AIB A N   
106 C CA  . AIB A 7  ? 0.08156 0.06170 0.06184 0.00296  -0.01353 -0.01963 7   AIB A CA  
107 C C   . AIB A 7  ? 0.06869 0.05500 0.06071 0.00863  -0.00662 -0.01689 7   AIB A C   
108 O O   . AIB A 7  ? 0.06812 0.06369 0.05898 0.00886  -0.01213 -0.01538 7   AIB A O   
109 C CB1 . AIB A 7  ? 0.07804 0.07580 0.08677 -0.00430 -0.02333 -0.00915 7   AIB A CB1 
110 C CB2 . AIB A 7  ? 0.11384 0.06401 0.06175 0.00680  -0.00377 -0.01984 7   AIB A CB2 
118 N N   . GLN A 8  ? 0.05743 0.05762 0.05956 0.00907  -0.00513 -0.01451 8   GLN A N   
119 C CA  . GLN A 8  ? 0.05433 0.05502 0.04445 0.00483  -0.00193 -0.00730 8   GLN A CA  
120 C C   . GLN A 8  ? 0.05496 0.04969 0.03864 0.00203  -0.00106 0.00042  8   GLN A C   
121 O O   . GLN A 8  ? 0.05299 0.04901 0.04270 0.00010  0.00108  0.00143  8   GLN A O   
122 C CB  . GLN A 8  ? 0.04844 0.05596 0.04700 0.00564  -0.00332 -0.00311 8   GLN A CB  
123 C CG  . GLN A 8  ? 0.05020 0.05546 0.05234 -0.00097 -0.01073 -0.00138 8   GLN A CG  
124 C CD  . GLN A 8  ? 0.05502 0.04604 0.05324 0.00075  -0.00762 -0.00507 8   GLN A CD  
125 O OE1 . GLN A 8  ? 0.05653 0.05087 0.06240 -0.00372 -0.00166 0.00165  8   GLN A OE1 
126 N NE2 . GLN A 8  ? 0.07030 0.04619 0.06311 -0.00672 -0.01682 0.00038  8   GLN A NE2 
135 N N   . AIB A 9  ? 0.05193 0.04518 0.04789 0.00157  0.00214  0.00292  9   AIB A N   
136 C CA  . AIB A 9  ? 0.05028 0.05555 0.04747 0.00342  0.00443  0.00186  9   AIB A CA  
137 C C   . AIB A 9  ? 0.05419 0.05757 0.04684 0.01084  -0.00100 0.00723  9   AIB A C   
138 O O   . AIB A 9  ? 0.07353 0.06633 0.06503 0.02124  0.00428  0.00165  9   AIB A O   
139 C CB1 . AIB A 9  ? 0.05146 0.07074 0.04630 0.00244  0.00505  -0.00445 9   AIB A CB1 
140 C CB2 . AIB A 9  ? 0.05546 0.06364 0.06400 -0.00553 0.00754  0.00788  9   AIB A CB2 
148 N N   A LEU A 10 ? 0.05752 0.05790 0.04998 0.00959  -0.00028 0.00857  10  LEU A N   
149 N N   B LEU A 10 ? 0.05176 0.06875 0.04208 0.00168  -0.00419 0.00470  10  LEU A N   
150 C CA  A LEU A 10 ? 0.05014 0.06397 0.05809 0.00871  -0.00257 0.01190  10  LEU A CA  
151 C CA  B LEU A 10 ? 0.04840 0.08315 0.04085 -0.00489 -0.00641 0.00492  10  LEU A CA  
152 C C   A LEU A 10 ? 0.05192 0.06503 0.05335 0.00427  -0.00435 0.00553  10  LEU A C   
153 C C   B LEU A 10 ? 0.04989 0.07459 0.04792 -0.00115 -0.00420 0.00112  10  LEU A C   
154 O O   A LEU A 10 ? 0.06233 0.05814 0.04303 -0.00170 -0.00733 0.00629  10  LEU A O   
155 O O   B LEU A 10 ? 0.05182 0.06744 0.04114 -0.00828 -0.00812 -0.00519 10  LEU A O   
156 C CB  A LEU A 10 ? 0.04781 0.08566 0.07413 -0.00153 -0.00259 0.01118  10  LEU A CB  
157 C CB  B LEU A 10 ? 0.04474 0.11049 0.04138 -0.01880 -0.00763 0.00381  10  LEU A CB  
158 C CG  A LEU A 10 ? 0.05453 0.09685 0.10552 -0.00651 0.00817  0.01502  10  LEU A CG  
159 C CG  B LEU A 10 ? 0.05112 0.13387 0.04672 -0.02553 0.00002  0.00249  10  LEU A CG  
160 C CD1 A LEU A 10 ? 0.06227 0.10545 0.10339 -0.01353 0.00570  0.01722  10  LEU A CD1 
161 C CD1 B LEU A 10 ? 0.04856 0.15041 0.05263 -0.03071 0.00056  0.00417  10  LEU A CD1 
162 C CD2 A LEU A 10 ? 0.06493 0.10836 0.13631 -0.00727 0.02435  0.01640  10  LEU A CD2 
163 C CD2 B LEU A 10 ? 0.04938 0.13654 0.05378 -0.02521 0.00104  0.00432  10  LEU A CD2 
186 C C11 . I77 A 11 ? 0.06590 0.07668 0.07592 -0.00615 0.00772  0.00798  11  I77 A C11 
187 C C12 . I77 A 11 ? 0.05728 0.08009 0.06342 -0.00001 -0.00017 0.00886  11  I77 A C12 
188 C C13 . I77 A 11 ? 0.06572 0.10369 0.06219 -0.00595 0.00006  0.00592  11  I77 A C13 
189 C C17 . I77 A 11 ? 0.05402 0.08490 0.05268 0.01069  -0.00209 0.00905  11  I77 A C17 
190 C C18 . I77 A 11 ? 0.04947 0.07177 0.04595 0.00719  -0.00252 0.00951  11  I77 A C18 
191 C C02 . I77 A 11 ? 0.05137 0.05702 0.05070 0.00280  -0.00024 0.00278  11  I77 A C02 
192 C C03 . I77 A 11 ? 0.05220 0.05834 0.04425 0.00665  0.00196  0.00524  11  I77 A C03 
193 C C04 . I77 A 11 ? 0.05890 0.06930 0.06430 0.00005  0.00987  -0.00583 11  I77 A C04 
194 C C05 . I77 A 11 ? 0.05943 0.06734 0.06743 -0.00196 0.00925  -0.00423 11  I77 A C05 
195 C C06 . I77 A 11 ? 0.05472 0.05927 0.04591 0.00577  0.00363  0.00258  11  I77 A C06 
196 C C08 . I77 A 11 ? 0.04736 0.06008 0.04606 0.00483  -0.00376 0.00479  11  I77 A C08 
197 C C09 . I77 A 11 ? 0.04924 0.05958 0.04798 0.00548  -0.00247 0.00816  11  I77 A C09 
198 N N01 . I77 A 11 ? 0.06326 0.05621 0.05613 -0.00018 0.00650  -0.00316 11  I77 A N01 
199 N N07 . I77 A 11 ? 0.05191 0.06083 0.05095 0.00716  0.00220  0.00187  11  I77 A N07 
200 N N10 . I77 A 11 ? 0.06201 0.07108 0.06401 -0.00587 0.00553  0.00360  11  I77 A N10 
201 N N14 . I77 A 11 ? 0.05780 0.10178 0.06812 -0.00241 -0.00166 0.01760  11  I77 A N14 
202 N N15 . I77 A 11 ? 0.05217 0.09399 0.06674 0.00347  0.00149  0.01641  11  I77 A N15 
203 O O16 . I77 A 11 ? 0.06947 0.13022 0.07630 -0.02400 0.00048  0.00065  11  I77 A O16 
204 O O19 . I77 A 11 ? 0.05917 0.06610 0.06083 0.00257  0.01277  -0.00643 11  I77 A O19 
214 C C01 . I7E B .  ? 0.06294 0.08418 0.06488 0.00244  -0.00330 0.00295  201 I7E A C01 
215 C C02 . I7E B .  ? 0.06279 0.07304 0.06387 -0.00284 -0.00103 0.00190  201 I7E A C02 
216 C C03 . I7E B .  ? 0.07949 0.06693 0.08297 -0.00360 0.00453  0.01153  201 I7E A C03 
217 C C04 . I7E B .  ? 0.06843 0.07931 0.07076 0.00408  0.00425  0.00581  201 I7E A C04 
218 C C05 . I7E B .  ? 0.05742 0.06357 0.05642 -0.00549 0.00135  -0.00290 201 I7E A C05 
219 C C06 . I7E B .  ? 0.05214 0.07045 0.06531 -0.00975 0.00502  -0.00833 201 I7E A C06 
220 C C07 . I7E B .  ? 0.06344 0.06684 0.07732 -0.00200 0.01700  -0.00802 201 I7E A C07 
221 C C08 . I7E B .  ? 0.06448 0.07281 0.07092 0.00232  0.01611  -0.00513 201 I7E A C08 
222 C C09 . I7E B .  ? 0.05988 0.08098 0.06645 -0.00283 0.00292  -0.00801 201 I7E A C09 
223 C C10 . I7E B .  ? 0.05776 0.07048 0.06696 -0.00224 0.00007  -0.00405 201 I7E A C10 
238 C C01 . I7E C .  ? 0.09494 0.11249 0.11356 -0.02125 -0.00435 0.02068  202 I7E A C01 
239 C C02 . I7E C .  ? 0.08149 0.10550 0.08961 -0.00923 0.00349  0.00716  202 I7E A C02 
240 C C03 . I7E C .  ? 0.08316 0.08458 0.10026 0.00481  0.00988  0.00229  202 I7E A C03 
241 C C04 . I7E C .  ? 0.09541 0.16220 0.09429 0.00243  0.01188  0.00962  202 I7E A C04 
242 C C05 . I7E C .  ? 0.06840 0.07327 0.06713 -0.01020 0.00888  -0.00813 202 I7E A C05 
243 C C06 . I7E C .  ? 0.07263 0.07650 0.06967 -0.00995 0.01647  -0.01670 202 I7E A C06 
244 C C07 . I7E C .  ? 0.06416 0.08201 0.07553 -0.00862 0.01056  -0.02559 202 I7E A C07 
245 C C08 . I7E C .  ? 0.06950 0.07460 0.07230 -0.00066 0.00920  -0.01146 202 I7E A C08 
246 C C09 . I7E C .  ? 0.07309 0.07799 0.06981 -0.00158 0.01260  -0.00771 202 I7E A C09 
247 C C10 . I7E C .  ? 0.06294 0.07510 0.07376 -0.00485 0.01172  -0.00634 202 I7E A C10 
262 C C01 A I7E D .  ? 0.09103 0.08264 0.07734 -0.02012 0.01172  0.01021  203 I7E A C01 
263 C C01 B I7E D .  ? 0.10462 0.10047 0.07291 -0.00685 -0.00884 -0.00117 203 I7E A C01 
264 C C02 A I7E D .  ? 0.08668 0.09054 0.07238 -0.01681 0.01062  0.00833  203 I7E A C02 
265 C C02 B I7E D .  ? 0.09438 0.08970 0.06553 -0.00674 -0.01233 0.00751  203 I7E A C02 
266 C C03 A I7E D .  ? 0.08681 0.09025 0.06285 -0.00890 0.01116  0.00762  203 I7E A C03 
267 C C03 B I7E D .  ? 0.10423 0.10740 0.08007 -0.01663 -0.00244 0.01407  203 I7E A C03 
268 C C04 A I7E D .  ? 0.08172 0.09623 0.07245 -0.01691 0.00999  0.00503  203 I7E A C04 
269 C C04 B I7E D .  ? 0.09561 0.08003 0.06696 -0.00712 -0.02040 0.01018  203 I7E A C04 
270 C C05 A I7E D .  ? 0.08129 0.09388 0.07613 -0.01728 0.00740  0.01048  203 I7E A C05 
271 C C05 B I7E D .  ? 0.08449 0.08773 0.07668 -0.00179 -0.01030 0.01636  203 I7E A C05 
272 C C06 A I7E D .  ? 0.07610 0.09730 0.07590 -0.01574 0.00510  0.00904  203 I7E A C06 
273 C C06 B I7E D .  ? 0.09491 0.09102 0.10067 0.00177  0.00447  0.02267  203 I7E A C06 
274 C C07 A I7E D .  ? 0.07776 0.10095 0.08089 -0.01305 0.00681  0.01260  203 I7E A C07 
275 C C07 B I7E D .  ? 0.09741 0.08710 0.11729 -0.00399 0.00931  0.02856  203 I7E A C07 
276 C C08 A I7E D .  ? 0.08358 0.10410 0.09172 -0.01098 0.01192  0.01902  203 I7E A C08 
277 C C08 B I7E D .  ? 0.08692 0.08977 0.11211 -0.00274 -0.00111 0.03004  203 I7E A C08 
278 C C09 A I7E D .  ? 0.08748 0.10370 0.10202 -0.01189 0.01614  0.01691  203 I7E A C09 
279 C C09 B I7E D .  ? 0.08255 0.08208 0.09477 0.00224  -0.00873 0.02298  203 I7E A C09 
280 C C10 A I7E D .  ? 0.08721 0.09892 0.09747 -0.01151 0.01537  0.01440  203 I7E A C10 
281 C C10 B I7E D .  ? 0.07976 0.08058 0.08346 0.00018  -0.01214 0.01730  203 I7E A C10 
310 O O   . HOH E .  ? 0.06456 0.09760 0.05963 -0.00909 0.00455  0.00715  301 HOH A O   
# 
